data_8TZK
#
_entry.id   8TZK
#
_cell.length_a   1.00
_cell.length_b   1.00
_cell.length_c   1.00
_cell.angle_alpha   90.00
_cell.angle_beta   90.00
_cell.angle_gamma   90.00
#
_symmetry.space_group_name_H-M   'P 1'
#
loop_
_entity.id
_entity.type
_entity.pdbx_description
1 polymer 'Cell division ATP-binding protein FtsE'
2 polymer 'Cell division protein FtsX'
3 polymer 'Peptidase M23'
4 non-polymer 'MAGNESIUM ION'
5 non-polymer "ADENOSINE-5'-DIPHOSPHATE"
#
loop_
_entity_poly.entity_id
_entity_poly.type
_entity_poly.pdbx_seq_one_letter_code
_entity_poly.pdbx_strand_id
1 'polypeptide(L)'
;PALSGGDGVIRFQQVSKAYRGGRQALQKVDFHLRRGEMAFLGGHSGAGKSTLLKLICAIERPTDGKISFNGHDITRIPNK
DIPFLRRNIGIVFQDHRLLMDRSIYDNVALPMRIESISENEIKRRVSAALDKTGLLDKARCLPSQLSGGEQQRVGIARAV
VNRPTLLLADEPTGNLDPELSSRVLRLFEEFNRAGVTILLATHDIHLVNSRPQYRHLELNQGFLSEVADYGR
;
A,B
2 'polypeptide(L)'
;MAVKPGNQKISKTTKSTKSKPRDVKRAKTDSFLAIHFKQAKASFAALWRRPLGNILTLAVISMALALPASLYLLSKNIAS
VAERVAEPSQLSVYLHIDTPEPRIIVLKDDLERRDEIAKVKYISPQQGLDDLSQYAGFEQAISLLDNATLPAVLVVTPKV
DSREQIQTLAKALQAEEGVTDVRMDEDWFARLDAIRHLATIVVISLSSLMLMSVFLIVGNTLRFNVQANKEEIQTMKLIG
ATDAYILRPYLYSGMWFGLLGAVAAWLLTALMTILLNGAVEALAQLYDSRFRLIGLGWDESLLLLMLGVFLGCVAAKVSA
KRHLKEIEPV
;
C,D
3 'polypeptide(L)'
;MTATDPHAIFSDFLGKTLTHRLLACLLFMVSPSLFAATQQELTGVKSEISRQQQSLAEQQKSLDQLQQALKQQELGINSI
ENQITKTKNDLENANRNIAQLNSNIQALETQKQQQADKLERLLQTYYLTKRSLTNGQFFHRSADEDRISQYYQHLAKSRA
QAIEALEKTQTELNSNQKQRQTEREQIEKLLAEQTQQRDKLAKTQSERKQTVKKIESSISGNKTYLAELQRNETRLKAEI
AKAAKRNAVLMNGIASQRGKLPWPLKGRVLHNFGERQTGQIDWKGLVIDANYGQEVKAVYPGTIVFAEYLRGYGLVVLLD
HGKGDMTLYGFNQTLLKKEGDKVTTGETIALAGDTGGQSRPALYFEIRRNSRAENPSQWLQR
;
E
#
loop_
_chem_comp.id
_chem_comp.type
_chem_comp.name
_chem_comp.formula
ADP non-polymer ADENOSINE-5'-DIPHOSPHATE 'C10 H15 N5 O10 P2'
MG non-polymer 'MAGNESIUM ION' 'Mg 2'
#
# COMPACT_ATOMS: atom_id res chain seq x y z
N GLY A 8 24.07 45.92 -23.19
CA GLY A 8 24.45 44.88 -24.13
C GLY A 8 23.64 43.61 -23.95
N VAL A 9 23.92 42.61 -24.79
CA VAL A 9 23.17 41.36 -24.73
C VAL A 9 23.36 40.68 -23.38
N ILE A 10 24.47 40.95 -22.69
CA ILE A 10 24.68 40.42 -21.35
C ILE A 10 25.85 41.17 -20.71
N ARG A 11 25.77 41.41 -19.41
CA ARG A 11 26.82 42.13 -18.71
C ARG A 11 26.89 41.61 -17.28
N PHE A 12 28.12 41.53 -16.76
CA PHE A 12 28.37 41.11 -15.38
C PHE A 12 29.01 42.25 -14.62
N GLN A 13 28.72 42.31 -13.31
CA GLN A 13 29.26 43.34 -12.43
C GLN A 13 29.81 42.64 -11.18
N GLN A 14 31.08 42.22 -11.25
CA GLN A 14 31.74 41.61 -10.11
C GLN A 14 30.98 40.39 -9.59
N VAL A 15 30.46 39.58 -10.51
CA VAL A 15 29.73 38.38 -10.14
C VAL A 15 30.71 37.30 -9.70
N SER A 16 30.34 36.56 -8.66
CA SER A 16 31.16 35.47 -8.17
C SER A 16 30.25 34.38 -7.60
N LYS A 17 30.67 33.13 -7.76
CA LYS A 17 29.90 31.98 -7.27
C LYS A 17 30.77 31.15 -6.34
N ALA A 18 30.17 30.71 -5.24
CA ALA A 18 30.83 29.83 -4.27
C ALA A 18 29.93 28.63 -4.03
N TYR A 19 30.47 27.43 -4.26
CA TYR A 19 29.69 26.22 -4.06
C TYR A 19 29.54 25.91 -2.57
N ARG A 20 28.61 25.00 -2.27
CA ARG A 20 28.36 24.63 -0.88
C ARG A 20 29.59 24.02 -0.25
N GLY A 21 30.34 23.22 -1.01
CA GLY A 21 31.53 22.58 -0.45
C GLY A 21 32.58 23.58 0.01
N GLY A 22 32.56 24.78 -0.55
CA GLY A 22 33.55 25.79 -0.25
C GLY A 22 34.48 26.11 -1.40
N ARG A 23 34.39 25.37 -2.50
CA ARG A 23 35.20 25.65 -3.68
C ARG A 23 34.50 26.70 -4.54
N GLN A 24 35.27 27.64 -5.06
CA GLN A 24 34.74 28.78 -5.81
C GLN A 24 35.06 28.63 -7.28
N ALA A 25 34.02 28.50 -8.10
CA ALA A 25 34.22 28.41 -9.54
C ALA A 25 34.60 29.76 -10.13
N LEU A 26 33.92 30.83 -9.70
CA LEU A 26 34.08 32.16 -10.27
C LEU A 26 34.39 33.17 -9.19
N GLN A 27 35.29 34.11 -9.49
CA GLN A 27 35.69 35.14 -8.55
C GLN A 27 35.91 36.44 -9.32
N LYS A 28 35.02 37.40 -9.14
CA LYS A 28 35.16 38.73 -9.74
C LYS A 28 35.41 38.64 -11.24
N VAL A 29 34.42 38.09 -11.95
CA VAL A 29 34.46 38.01 -13.41
C VAL A 29 33.58 39.11 -13.98
N ASP A 30 34.10 39.85 -14.95
CA ASP A 30 33.41 40.98 -15.53
C ASP A 30 33.69 41.03 -17.03
N PHE A 31 32.64 40.90 -17.83
CA PHE A 31 32.78 41.02 -19.27
C PHE A 31 31.47 41.53 -19.86
N HIS A 32 31.57 42.09 -21.06
CA HIS A 32 30.44 42.73 -21.74
C HIS A 32 30.38 42.24 -23.17
N LEU A 33 29.17 41.92 -23.64
CA LEU A 33 28.95 41.46 -25.00
C LEU A 33 28.01 42.41 -25.72
N ARG A 34 28.41 42.84 -26.91
CA ARG A 34 27.58 43.67 -27.76
C ARG A 34 26.89 42.81 -28.81
N ARG A 35 25.67 43.19 -29.17
CA ARG A 35 24.87 42.36 -30.07
C ARG A 35 25.61 42.10 -31.37
N GLY A 36 25.61 40.84 -31.80
CA GLY A 36 26.25 40.43 -33.03
C GLY A 36 27.64 39.85 -32.84
N GLU A 37 28.28 40.10 -31.71
CA GLU A 37 29.65 39.63 -31.50
C GLU A 37 29.67 38.13 -31.21
N MET A 38 30.87 37.56 -31.30
CA MET A 38 31.10 36.16 -31.00
C MET A 38 32.34 36.03 -30.12
N ALA A 39 32.31 35.08 -29.20
CA ALA A 39 33.39 34.88 -28.25
C ALA A 39 33.67 33.40 -28.07
N PHE A 40 34.88 33.08 -27.61
CA PHE A 40 35.31 31.69 -27.47
C PHE A 40 35.39 31.20 -26.03
N LEU A 41 35.65 32.08 -25.06
CA LEU A 41 35.63 31.70 -23.65
C LEU A 41 36.52 30.49 -23.37
N GLY A 42 37.79 30.62 -23.75
CA GLY A 42 38.73 29.54 -23.50
C GLY A 42 39.01 29.35 -22.03
N GLY A 43 39.31 28.11 -21.66
CA GLY A 43 39.64 27.78 -20.28
C GLY A 43 40.36 26.45 -20.22
N HIS A 44 40.82 26.12 -19.01
CA HIS A 44 41.55 24.89 -18.78
C HIS A 44 40.58 23.79 -18.30
N SER A 45 41.12 22.65 -17.90
CA SER A 45 40.26 21.52 -17.50
C SER A 45 39.34 21.91 -16.36
N GLY A 46 39.81 22.79 -15.47
CA GLY A 46 38.99 23.27 -14.38
C GLY A 46 38.28 24.56 -14.76
N ALA A 47 38.68 25.68 -14.15
CA ALA A 47 38.16 26.98 -14.55
C ALA A 47 36.65 27.04 -14.34
N GLY A 48 35.97 27.95 -15.04
CA GLY A 48 34.55 28.14 -14.85
C GLY A 48 33.72 28.18 -16.12
N LYS A 49 34.12 27.46 -17.16
CA LYS A 49 33.37 27.52 -18.42
C LYS A 49 31.96 27.00 -18.23
N SER A 50 31.82 25.78 -17.72
CA SER A 50 30.50 25.20 -17.54
C SER A 50 29.69 25.97 -16.50
N THR A 51 30.35 26.41 -15.42
CA THR A 51 29.66 27.21 -14.43
C THR A 51 29.18 28.52 -15.01
N LEU A 52 29.99 29.14 -15.87
CA LEU A 52 29.56 30.38 -16.53
C LEU A 52 28.34 30.13 -17.41
N LEU A 53 28.37 29.07 -18.21
CA LEU A 53 27.22 28.78 -19.07
C LEU A 53 25.98 28.45 -18.26
N LYS A 54 26.16 27.82 -17.09
CA LYS A 54 25.01 27.56 -16.23
C LYS A 54 24.46 28.86 -15.63
N LEU A 55 25.35 29.76 -15.22
CA LEU A 55 24.91 31.01 -14.62
C LEU A 55 24.14 31.85 -15.64
N ILE A 56 24.64 31.93 -16.87
CA ILE A 56 24.06 32.85 -17.84
C ILE A 56 22.59 32.53 -18.08
N CYS A 57 22.25 31.25 -18.23
CA CYS A 57 20.88 30.82 -18.49
C CYS A 57 20.09 30.59 -17.21
N ALA A 58 20.56 31.13 -16.08
CA ALA A 58 19.79 31.19 -14.84
C ALA A 58 19.50 29.82 -14.24
N ILE A 59 20.24 28.78 -14.64
CA ILE A 59 20.05 27.48 -13.99
C ILE A 59 20.50 27.53 -12.54
N GLU A 60 21.55 28.30 -12.26
CA GLU A 60 22.04 28.49 -10.90
C GLU A 60 22.23 29.98 -10.66
N ARG A 61 21.86 30.43 -9.47
CA ARG A 61 21.92 31.86 -9.17
C ARG A 61 23.32 32.23 -8.66
N PRO A 62 23.71 33.49 -8.81
CA PRO A 62 25.01 33.94 -8.31
C PRO A 62 24.92 34.27 -6.83
N THR A 63 26.04 34.76 -6.29
CA THR A 63 26.13 35.13 -4.88
C THR A 63 26.59 36.55 -4.65
N ASP A 64 27.59 37.02 -5.39
CA ASP A 64 28.22 38.31 -5.11
C ASP A 64 27.64 39.45 -5.94
N GLY A 65 27.71 39.35 -7.25
CA GLY A 65 27.44 40.47 -8.14
C GLY A 65 26.04 40.44 -8.71
N LYS A 66 25.88 41.09 -9.86
CA LYS A 66 24.60 41.19 -10.55
C LYS A 66 24.78 40.85 -12.03
N ILE A 67 23.70 40.38 -12.64
CA ILE A 67 23.69 40.00 -14.05
C ILE A 67 22.59 40.77 -14.74
N SER A 68 22.91 41.37 -15.89
CA SER A 68 21.95 42.11 -16.69
C SER A 68 21.89 41.51 -18.08
N PHE A 69 20.69 41.15 -18.53
CA PHE A 69 20.52 40.54 -19.84
C PHE A 69 20.33 41.58 -20.92
N ASN A 70 19.28 42.40 -20.82
CA ASN A 70 19.04 43.50 -21.75
C ASN A 70 18.68 44.74 -20.95
N GLY A 71 19.46 45.01 -19.89
CA GLY A 71 19.13 46.05 -18.95
C GLY A 71 18.23 45.62 -17.83
N HIS A 72 17.73 44.39 -17.85
CA HIS A 72 16.87 43.85 -16.81
C HIS A 72 17.71 42.96 -15.89
N ASP A 73 17.66 43.24 -14.60
CA ASP A 73 18.44 42.46 -13.64
C ASP A 73 17.99 41.02 -13.64
N ILE A 74 18.94 40.11 -13.71
CA ILE A 74 18.69 38.67 -13.60
C ILE A 74 19.25 38.11 -12.30
N THR A 75 19.75 38.98 -11.41
CA THR A 75 20.37 38.51 -10.18
C THR A 75 19.37 37.73 -9.33
N ARG A 76 18.17 38.28 -9.16
CA ARG A 76 17.13 37.69 -8.33
C ARG A 76 15.83 37.55 -9.11
N ILE A 77 15.94 37.00 -10.32
CA ILE A 77 14.74 36.79 -11.13
C ILE A 77 13.81 35.82 -10.42
N PRO A 78 12.53 36.13 -10.25
CA PRO A 78 11.62 35.17 -9.61
C PRO A 78 11.53 33.88 -10.42
N ASN A 79 11.36 32.77 -9.70
CA ASN A 79 11.38 31.47 -10.35
C ASN A 79 10.28 31.32 -11.39
N LYS A 80 9.24 32.14 -11.33
CA LYS A 80 8.15 32.03 -12.30
C LYS A 80 8.50 32.68 -13.63
N ASP A 81 9.51 33.56 -13.68
CA ASP A 81 9.91 34.21 -14.92
C ASP A 81 11.05 33.50 -15.63
N ILE A 82 11.64 32.47 -15.04
CA ILE A 82 12.78 31.80 -15.67
C ILE A 82 12.42 31.26 -17.05
N PRO A 83 11.27 30.60 -17.25
CA PRO A 83 10.97 30.08 -18.59
C PRO A 83 10.96 31.14 -19.67
N PHE A 84 10.44 32.33 -19.36
CA PHE A 84 10.42 33.39 -20.36
C PHE A 84 11.84 33.80 -20.73
N LEU A 85 12.74 33.88 -19.75
CA LEU A 85 14.13 34.19 -20.04
C LEU A 85 14.76 33.10 -20.89
N ARG A 86 14.55 31.83 -20.52
CA ARG A 86 15.17 30.74 -21.25
C ARG A 86 14.66 30.65 -22.68
N ARG A 87 13.44 31.13 -22.93
CA ARG A 87 12.92 31.10 -24.30
C ARG A 87 13.79 31.94 -25.23
N ASN A 88 14.45 32.98 -24.72
CA ASN A 88 15.29 33.83 -25.55
C ASN A 88 16.66 33.22 -25.81
N ILE A 89 17.11 32.27 -24.99
CA ILE A 89 18.46 31.73 -25.08
C ILE A 89 18.38 30.31 -25.61
N GLY A 90 19.18 30.02 -26.64
CA GLY A 90 19.35 28.67 -27.13
C GLY A 90 20.63 28.08 -26.59
N ILE A 91 20.60 26.80 -26.23
CA ILE A 91 21.71 26.13 -25.56
C ILE A 91 22.07 24.88 -26.35
N VAL A 92 23.37 24.69 -26.60
CA VAL A 92 23.90 23.50 -27.24
C VAL A 92 24.87 22.84 -26.27
N PHE A 93 24.75 21.52 -26.13
CA PHE A 93 25.57 20.76 -25.20
C PHE A 93 26.40 19.72 -25.95
N GLN A 94 27.51 19.33 -25.32
CA GLN A 94 28.38 18.33 -25.91
C GLN A 94 27.66 17.00 -26.13
N ASP A 95 26.68 16.70 -25.28
CA ASP A 95 25.99 15.41 -25.34
C ASP A 95 24.89 15.36 -26.39
N HIS A 96 24.60 16.46 -27.06
CA HIS A 96 23.51 16.55 -28.03
C HIS A 96 22.26 15.85 -27.51
N ARG A 97 21.79 16.32 -26.36
CA ARG A 97 20.61 15.74 -25.73
C ARG A 97 19.48 15.64 -26.75
N LEU A 98 19.08 14.42 -27.08
CA LEU A 98 17.99 14.18 -28.02
C LEU A 98 17.08 13.10 -27.47
N LEU A 99 15.81 13.20 -27.83
CA LEU A 99 14.80 12.23 -27.41
C LEU A 99 14.79 11.11 -28.44
N MET A 100 15.36 9.95 -28.06
CA MET A 100 15.52 8.87 -29.02
C MET A 100 14.18 8.31 -29.48
N ASP A 101 13.16 8.38 -28.62
CA ASP A 101 11.86 7.81 -28.97
C ASP A 101 11.22 8.55 -30.14
N ARG A 102 11.29 9.88 -30.12
CA ARG A 102 10.58 10.69 -31.11
C ARG A 102 11.40 10.80 -32.40
N SER A 103 10.77 11.39 -33.41
CA SER A 103 11.42 11.61 -34.69
C SER A 103 12.20 12.92 -34.68
N ILE A 104 13.04 13.10 -35.69
CA ILE A 104 13.83 14.32 -35.80
C ILE A 104 12.93 15.54 -35.94
N TYR A 105 11.89 15.43 -36.77
CA TYR A 105 10.95 16.54 -36.92
C TYR A 105 10.30 16.88 -35.60
N ASP A 106 10.08 15.89 -34.75
CA ASP A 106 9.50 16.17 -33.44
C ASP A 106 10.51 16.82 -32.51
N ASN A 107 11.75 16.33 -32.52
CA ASN A 107 12.79 16.91 -31.66
C ASN A 107 13.01 18.37 -32.01
N VAL A 108 13.12 18.68 -33.30
CA VAL A 108 13.38 20.07 -33.70
C VAL A 108 12.18 20.95 -33.46
N ALA A 109 10.97 20.39 -33.40
CA ALA A 109 9.75 21.16 -33.25
C ALA A 109 9.36 21.38 -31.79
N LEU A 110 10.08 20.78 -30.85
CA LEU A 110 9.68 20.89 -29.45
C LEU A 110 9.67 22.33 -28.96
N PRO A 111 10.68 23.16 -29.24
CA PRO A 111 10.63 24.54 -28.74
C PRO A 111 9.40 25.30 -29.21
N MET A 112 8.95 25.07 -30.44
CA MET A 112 7.75 25.74 -30.93
C MET A 112 6.51 25.19 -30.23
N ARG A 113 6.39 23.87 -30.15
CA ARG A 113 5.20 23.27 -29.54
C ARG A 113 5.08 23.67 -28.07
N ILE A 114 6.20 23.97 -27.41
CA ILE A 114 6.13 24.42 -26.03
C ILE A 114 5.34 25.72 -25.94
N GLU A 115 5.47 26.58 -26.95
CA GLU A 115 4.74 27.84 -26.98
C GLU A 115 3.32 27.69 -27.50
N SER A 116 2.92 26.49 -27.93
CA SER A 116 1.59 26.24 -28.47
C SER A 116 1.34 27.08 -29.73
N ILE A 117 2.15 26.80 -30.74
CA ILE A 117 2.05 27.47 -32.04
C ILE A 117 1.27 26.58 -32.99
N SER A 118 0.63 27.20 -33.98
CA SER A 118 -0.19 26.46 -34.93
C SER A 118 0.67 25.48 -35.71
N GLU A 119 0.05 24.37 -36.14
CA GLU A 119 0.81 23.28 -36.74
C GLU A 119 1.47 23.71 -38.04
N ASN A 120 0.77 24.48 -38.88
CA ASN A 120 1.32 24.85 -40.18
C ASN A 120 2.56 25.70 -40.05
N GLU A 121 2.52 26.70 -39.16
CA GLU A 121 3.69 27.54 -38.94
C GLU A 121 4.85 26.72 -38.39
N ILE A 122 4.54 25.79 -37.48
CA ILE A 122 5.59 24.91 -36.95
C ILE A 122 6.23 24.13 -38.10
N LYS A 123 5.40 23.58 -38.98
CA LYS A 123 5.94 22.78 -40.09
C LYS A 123 6.86 23.62 -40.96
N ARG A 124 6.39 24.81 -41.36
CA ARG A 124 7.20 25.61 -42.27
C ARG A 124 8.50 26.05 -41.61
N ARG A 125 8.44 26.47 -40.35
CA ARG A 125 9.63 26.93 -39.66
C ARG A 125 10.63 25.80 -39.46
N VAL A 126 10.14 24.62 -39.08
CA VAL A 126 11.03 23.48 -38.88
C VAL A 126 11.67 23.07 -40.20
N SER A 127 10.89 23.07 -41.29
CA SER A 127 11.46 22.75 -42.59
C SER A 127 12.55 23.76 -42.96
N ALA A 128 12.30 25.04 -42.71
CA ALA A 128 13.31 26.05 -43.01
C ALA A 128 14.58 25.80 -42.22
N ALA A 129 14.44 25.52 -40.92
CA ALA A 129 15.63 25.32 -40.09
C ALA A 129 16.41 24.09 -40.53
N LEU A 130 15.70 22.98 -40.79
CA LEU A 130 16.38 21.77 -41.20
C LEU A 130 17.07 21.95 -42.55
N ASP A 131 16.44 22.67 -43.48
CA ASP A 131 17.10 22.97 -44.74
C ASP A 131 18.34 23.81 -44.51
N LYS A 132 18.26 24.78 -43.59
CA LYS A 132 19.42 25.63 -43.31
C LYS A 132 20.58 24.81 -42.77
N THR A 133 20.29 23.83 -41.91
CA THR A 133 21.33 22.94 -41.39
C THR A 133 21.59 21.74 -42.29
N GLY A 134 20.87 21.60 -43.39
CA GLY A 134 21.15 20.55 -44.35
C GLY A 134 20.60 19.18 -44.02
N LEU A 135 19.66 19.08 -43.08
CA LEU A 135 19.07 17.80 -42.68
C LEU A 135 17.61 17.69 -43.11
N LEU A 136 17.18 18.48 -44.08
CA LEU A 136 15.77 18.45 -44.49
C LEU A 136 15.37 17.07 -44.99
N ASP A 137 16.29 16.35 -45.64
CA ASP A 137 15.94 15.06 -46.24
C ASP A 137 15.50 14.07 -45.18
N LYS A 138 16.20 14.01 -44.04
CA LYS A 138 15.97 13.01 -43.00
C LYS A 138 15.09 13.55 -41.89
N ALA A 139 14.15 14.46 -42.21
CA ALA A 139 13.32 15.06 -41.18
C ALA A 139 12.35 14.07 -40.54
N ARG A 140 12.11 12.92 -41.18
CA ARG A 140 11.12 11.96 -40.70
C ARG A 140 11.75 10.71 -40.11
N CYS A 141 13.07 10.68 -39.95
CA CYS A 141 13.78 9.52 -39.43
C CYS A 141 14.04 9.69 -37.94
N LEU A 142 14.40 8.58 -37.29
CA LEU A 142 14.72 8.60 -35.87
C LEU A 142 16.17 9.00 -35.64
N PRO A 143 16.50 9.55 -34.47
CA PRO A 143 17.88 9.99 -34.23
C PRO A 143 18.86 8.83 -34.16
N SER A 144 18.40 7.62 -33.90
CA SER A 144 19.32 6.49 -33.80
C SER A 144 20.05 6.25 -35.12
N GLN A 145 19.33 6.37 -36.24
CA GLN A 145 19.93 6.06 -37.53
C GLN A 145 21.01 7.07 -37.91
N LEU A 146 20.85 8.33 -37.49
CA LEU A 146 21.81 9.35 -37.88
C LEU A 146 23.18 9.09 -37.26
N SER A 147 24.22 9.58 -37.94
CA SER A 147 25.57 9.55 -37.42
C SER A 147 25.79 10.70 -36.43
N GLY A 148 26.96 10.71 -35.81
CA GLY A 148 27.22 11.68 -34.76
C GLY A 148 27.13 13.11 -35.24
N GLY A 149 27.75 13.42 -36.38
CA GLY A 149 27.71 14.77 -36.89
C GLY A 149 26.29 15.22 -37.22
N GLU A 150 25.52 14.32 -37.82
CA GLU A 150 24.13 14.63 -38.09
C GLU A 150 23.35 14.91 -36.80
N GLN A 151 23.62 14.12 -35.76
CA GLN A 151 22.95 14.36 -34.48
C GLN A 151 23.32 15.73 -33.93
N GLN A 152 24.60 16.10 -34.01
CA GLN A 152 25.00 17.43 -33.52
C GLN A 152 24.33 18.54 -34.32
N ARG A 153 24.24 18.37 -35.63
CA ARG A 153 23.58 19.40 -36.44
C ARG A 153 22.09 19.48 -36.10
N VAL A 154 21.46 18.34 -35.84
CA VAL A 154 20.06 18.36 -35.40
C VAL A 154 19.93 19.10 -34.09
N GLY A 155 20.87 18.88 -33.17
CA GLY A 155 20.83 19.62 -31.91
C GLY A 155 20.96 21.12 -32.11
N ILE A 156 21.85 21.53 -33.00
CA ILE A 156 22.02 22.96 -33.28
C ILE A 156 20.73 23.53 -33.87
N ALA A 157 20.11 22.79 -34.80
CA ALA A 157 18.86 23.25 -35.39
C ALA A 157 17.79 23.39 -34.33
N ARG A 158 17.69 22.43 -33.42
CA ARG A 158 16.69 22.49 -32.36
C ARG A 158 16.95 23.69 -31.46
N ALA A 159 18.23 23.99 -31.19
CA ALA A 159 18.56 25.14 -30.37
C ALA A 159 18.16 26.44 -31.05
N VAL A 160 18.37 26.53 -32.37
CA VAL A 160 18.24 27.81 -33.08
C VAL A 160 16.87 28.00 -33.71
N VAL A 161 15.98 27.02 -33.64
CA VAL A 161 14.70 27.12 -34.32
C VAL A 161 13.92 28.35 -33.87
N ASN A 162 13.96 28.65 -32.57
CA ASN A 162 13.07 29.65 -31.98
C ASN A 162 13.63 31.07 -32.02
N ARG A 163 14.49 31.37 -32.99
CA ARG A 163 15.06 32.70 -33.16
C ARG A 163 15.61 33.27 -31.85
N PRO A 164 16.52 32.55 -31.20
CA PRO A 164 17.09 33.06 -29.95
C PRO A 164 17.92 34.31 -30.18
N THR A 165 17.91 35.20 -29.18
CA THR A 165 18.74 36.39 -29.25
C THR A 165 20.19 36.07 -28.94
N LEU A 166 20.43 35.15 -28.01
CA LEU A 166 21.76 34.73 -27.62
C LEU A 166 21.84 33.21 -27.68
N LEU A 167 22.88 32.70 -28.33
CA LEU A 167 23.09 31.27 -28.48
C LEU A 167 24.33 30.86 -27.70
N LEU A 168 24.17 29.89 -26.80
CA LEU A 168 25.24 29.42 -25.94
C LEU A 168 25.59 27.99 -26.30
N ALA A 169 26.87 27.74 -26.53
CA ALA A 169 27.38 26.41 -26.86
C ALA A 169 28.36 25.97 -25.79
N ASP A 170 28.18 24.76 -25.27
CA ASP A 170 29.02 24.21 -24.21
C ASP A 170 29.85 23.07 -24.81
N GLU A 171 31.00 23.42 -25.35
CA GLU A 171 31.90 22.45 -25.98
C GLU A 171 31.11 21.60 -26.98
N PRO A 172 30.53 22.22 -28.01
CA PRO A 172 29.70 21.45 -28.95
C PRO A 172 30.50 20.41 -29.72
N THR A 173 31.82 20.51 -29.75
CA THR A 173 32.65 19.66 -30.59
C THR A 173 33.42 18.63 -29.76
N GLY A 174 32.88 18.24 -28.61
CA GLY A 174 33.59 17.30 -27.76
C GLY A 174 33.75 15.93 -28.37
N ASN A 175 32.71 15.44 -29.05
CA ASN A 175 32.66 14.07 -29.53
C ASN A 175 32.88 13.96 -31.03
N LEU A 176 33.57 14.91 -31.64
CA LEU A 176 33.81 14.90 -33.08
C LEU A 176 35.28 15.17 -33.37
N ASP A 177 35.81 14.49 -34.38
CA ASP A 177 37.17 14.71 -34.81
C ASP A 177 37.28 16.06 -35.51
N PRO A 178 38.50 16.60 -35.66
CA PRO A 178 38.64 17.97 -36.18
C PRO A 178 37.98 18.18 -37.53
N GLU A 179 37.90 17.16 -38.37
CA GLU A 179 37.28 17.31 -39.68
C GLU A 179 35.86 17.83 -39.55
N LEU A 180 35.06 17.21 -38.67
CA LEU A 180 33.71 17.70 -38.42
C LEU A 180 33.70 18.93 -37.52
N SER A 181 34.75 19.13 -36.73
CA SER A 181 34.87 20.35 -35.95
C SER A 181 34.85 21.57 -36.85
N SER A 182 35.58 21.51 -37.96
CA SER A 182 35.59 22.63 -38.89
C SER A 182 34.20 22.93 -39.42
N ARG A 183 33.46 21.88 -39.81
CA ARG A 183 32.12 22.09 -40.36
C ARG A 183 31.20 22.70 -39.32
N VAL A 184 31.24 22.19 -38.08
CA VAL A 184 30.36 22.74 -37.05
C VAL A 184 30.71 24.20 -36.78
N LEU A 185 32.00 24.52 -36.72
CA LEU A 185 32.40 25.91 -36.48
C LEU A 185 31.95 26.80 -37.62
N ARG A 186 32.04 26.32 -38.86
CA ARG A 186 31.57 27.13 -39.99
C ARG A 186 30.06 27.34 -39.91
N LEU A 187 29.32 26.33 -39.48
CA LEU A 187 27.88 26.51 -39.31
C LEU A 187 27.59 27.57 -38.24
N PHE A 188 28.32 27.53 -37.14
CA PHE A 188 28.16 28.57 -36.12
C PHE A 188 28.49 29.95 -36.68
N GLU A 189 29.53 30.02 -37.51
CA GLU A 189 29.88 31.30 -38.13
C GLU A 189 28.77 31.81 -39.02
N GLU A 190 28.15 30.91 -39.79
CA GLU A 190 27.03 31.32 -40.63
C GLU A 190 25.89 31.86 -39.77
N PHE A 191 25.57 31.16 -38.68
CA PHE A 191 24.49 31.64 -37.81
C PHE A 191 24.84 33.01 -37.23
N ASN A 192 26.11 33.23 -36.88
CA ASN A 192 26.51 34.54 -36.39
C ASN A 192 26.35 35.61 -37.47
N ARG A 193 26.72 35.28 -38.71
CA ARG A 193 26.51 36.20 -39.82
C ARG A 193 25.05 36.56 -39.96
N ALA A 194 24.16 35.59 -39.73
CA ALA A 194 22.73 35.87 -39.81
C ALA A 194 22.32 36.97 -38.83
N GLY A 195 23.08 37.15 -37.75
CA GLY A 195 22.79 38.20 -36.79
C GLY A 195 22.50 37.68 -35.39
N VAL A 196 22.83 36.41 -35.15
CA VAL A 196 22.56 35.77 -33.86
C VAL A 196 23.83 35.84 -33.02
N THR A 197 23.75 36.51 -31.87
CA THR A 197 24.88 36.56 -30.96
C THR A 197 25.22 35.16 -30.47
N ILE A 198 26.52 34.88 -30.33
CA ILE A 198 26.99 33.57 -29.90
C ILE A 198 28.08 33.76 -28.86
N LEU A 199 28.14 32.83 -27.90
CA LEU A 199 29.22 32.73 -26.93
C LEU A 199 29.63 31.26 -26.86
N LEU A 200 30.55 30.88 -27.73
CA LEU A 200 31.07 29.52 -27.74
C LEU A 200 32.01 29.31 -26.57
N ALA A 201 32.06 28.08 -26.07
CA ALA A 201 32.93 27.71 -24.95
C ALA A 201 33.69 26.44 -25.31
N THR A 202 35.02 26.51 -25.28
CA THR A 202 35.84 25.37 -25.60
C THR A 202 37.20 25.49 -24.94
N HIS A 203 37.81 24.34 -24.64
CA HIS A 203 39.17 24.29 -24.11
C HIS A 203 40.20 23.95 -25.17
N ASP A 204 39.78 23.81 -26.44
CA ASP A 204 40.69 23.46 -27.52
C ASP A 204 41.41 24.72 -27.99
N ILE A 205 42.69 24.85 -27.63
CA ILE A 205 43.43 26.05 -27.99
C ILE A 205 43.64 26.13 -29.50
N HIS A 206 43.81 24.98 -30.16
CA HIS A 206 44.05 25.00 -31.60
C HIS A 206 42.88 25.62 -32.35
N LEU A 207 41.66 25.22 -31.99
CA LEU A 207 40.48 25.73 -32.71
C LEU A 207 40.37 27.24 -32.56
N VAL A 208 40.53 27.75 -31.34
CA VAL A 208 40.42 29.19 -31.12
C VAL A 208 41.55 29.92 -31.84
N ASN A 209 42.77 29.40 -31.78
CA ASN A 209 43.88 30.03 -32.47
C ASN A 209 43.70 30.01 -33.98
N SER A 210 42.88 29.09 -34.50
CA SER A 210 42.68 29.02 -35.93
C SER A 210 42.06 30.31 -36.46
N ARG A 211 41.07 30.86 -35.76
CA ARG A 211 40.31 32.02 -36.22
C ARG A 211 40.42 33.15 -35.22
N PRO A 212 41.33 34.11 -35.42
CA PRO A 212 41.49 35.21 -34.46
C PRO A 212 40.57 36.41 -34.67
N GLN A 213 39.61 36.34 -35.59
CA GLN A 213 38.73 37.48 -35.81
C GLN A 213 37.93 37.81 -34.55
N TYR A 214 37.41 36.79 -33.88
CA TYR A 214 36.50 36.98 -32.76
C TYR A 214 37.27 37.18 -31.47
N ARG A 215 36.78 38.10 -30.64
CA ARG A 215 37.43 38.37 -29.37
C ARG A 215 37.47 37.10 -28.53
N HIS A 216 38.60 36.89 -27.86
CA HIS A 216 38.84 35.70 -27.07
C HIS A 216 38.93 36.07 -25.59
N LEU A 217 38.15 35.39 -24.76
CA LEU A 217 38.21 35.56 -23.31
C LEU A 217 38.74 34.27 -22.71
N GLU A 218 39.83 34.37 -21.96
CA GLU A 218 40.46 33.23 -21.30
C GLU A 218 40.04 33.22 -19.85
N LEU A 219 39.55 32.07 -19.39
CA LEU A 219 39.12 31.89 -18.01
C LEU A 219 40.11 30.97 -17.31
N ASN A 220 40.71 31.47 -16.23
CA ASN A 220 41.81 30.77 -15.55
C ASN A 220 41.55 30.78 -14.05
N GLN A 221 41.23 29.60 -13.51
CA GLN A 221 41.02 29.44 -12.07
C GLN A 221 40.00 30.45 -11.54
N GLY A 222 38.93 30.66 -12.31
CA GLY A 222 37.86 31.54 -11.90
C GLY A 222 38.10 33.01 -12.17
N PHE A 223 39.22 33.38 -12.77
CA PHE A 223 39.53 34.76 -13.13
C PHE A 223 39.49 34.90 -14.64
N LEU A 224 38.90 36.01 -15.10
CA LEU A 224 38.73 36.26 -16.53
C LEU A 224 39.64 37.42 -16.94
N SER A 225 40.68 37.11 -17.72
CA SER A 225 41.60 38.15 -18.17
C SER A 225 40.96 39.01 -19.26
N GLU A 226 40.19 38.40 -20.15
CA GLU A 226 39.53 39.12 -21.24
C GLU A 226 40.55 39.62 -22.27
N VAL A 227 41.60 38.84 -22.50
CA VAL A 227 42.62 39.19 -23.48
C VAL A 227 43.03 37.94 -24.25
N GLY B 8 45.70 -15.89 -28.03
CA GLY B 8 46.00 -14.59 -27.44
C GLY B 8 44.89 -14.09 -26.55
N VAL B 9 45.08 -12.90 -25.98
CA VAL B 9 44.08 -12.34 -25.08
C VAL B 9 42.76 -12.12 -25.80
N ILE B 10 42.79 -11.93 -27.11
CA ILE B 10 41.58 -11.79 -27.90
C ILE B 10 41.93 -11.92 -29.38
N ARG B 11 41.07 -12.55 -30.16
CA ARG B 11 41.34 -12.74 -31.58
C ARG B 11 40.01 -12.74 -32.34
N PHE B 12 40.03 -12.18 -33.53
CA PHE B 12 38.87 -12.13 -34.41
C PHE B 12 39.15 -12.89 -35.70
N GLN B 13 38.11 -13.51 -36.23
CA GLN B 13 38.18 -14.29 -37.47
C GLN B 13 37.08 -13.81 -38.39
N GLN B 14 37.36 -12.79 -39.20
CA GLN B 14 36.42 -12.29 -40.20
C GLN B 14 35.09 -11.91 -39.55
N VAL B 15 35.14 -11.27 -38.39
CA VAL B 15 33.93 -10.86 -37.70
C VAL B 15 33.37 -9.61 -38.36
N SER B 16 32.04 -9.55 -38.48
CA SER B 16 31.37 -8.42 -39.08
C SER B 16 30.02 -8.23 -38.42
N LYS B 17 29.61 -6.97 -38.26
CA LYS B 17 28.34 -6.64 -37.63
C LYS B 17 27.51 -5.79 -38.58
N ALA B 18 26.21 -6.10 -38.66
CA ALA B 18 25.26 -5.34 -39.46
C ALA B 18 24.09 -4.96 -38.57
N TYR B 19 23.80 -3.66 -38.49
CA TYR B 19 22.71 -3.19 -37.67
C TYR B 19 21.36 -3.48 -38.33
N ARG B 20 20.30 -3.35 -37.54
CA ARG B 20 18.95 -3.61 -38.05
C ARG B 20 18.60 -2.65 -39.17
N GLY B 21 19.02 -1.39 -39.06
CA GLY B 21 18.68 -0.42 -40.09
C GLY B 21 19.25 -0.76 -41.45
N GLY B 22 20.34 -1.55 -41.47
CA GLY B 22 21.03 -1.90 -42.69
C GLY B 22 22.41 -1.29 -42.81
N ARG B 23 22.81 -0.43 -41.87
CA ARG B 23 24.14 0.13 -41.87
C ARG B 23 25.10 -0.81 -41.16
N GLN B 24 26.30 -0.96 -41.71
CA GLN B 24 27.29 -1.92 -41.21
C GLN B 24 28.43 -1.17 -40.54
N ALA B 25 28.59 -1.39 -39.23
CA ALA B 25 29.69 -0.78 -38.50
C ALA B 25 31.02 -1.45 -38.82
N LEU B 26 31.03 -2.78 -38.90
CA LEU B 26 32.25 -3.55 -39.07
C LEU B 26 32.10 -4.51 -40.25
N GLN B 27 33.19 -4.67 -41.01
CA GLN B 27 33.20 -5.53 -42.18
C GLN B 27 34.56 -6.20 -42.29
N LYS B 28 34.62 -7.50 -42.00
CA LYS B 28 35.83 -8.30 -42.13
C LYS B 28 37.01 -7.63 -41.41
N VAL B 29 36.89 -7.53 -40.09
CA VAL B 29 37.94 -6.99 -39.23
C VAL B 29 38.64 -8.15 -38.56
N ASP B 30 39.98 -8.14 -38.59
CA ASP B 30 40.77 -9.24 -38.07
C ASP B 30 42.02 -8.66 -37.41
N PHE B 31 42.18 -8.90 -36.12
CA PHE B 31 43.38 -8.48 -35.40
C PHE B 31 43.61 -9.41 -34.23
N HIS B 32 44.85 -9.45 -33.76
CA HIS B 32 45.28 -10.35 -32.69
C HIS B 32 46.05 -9.58 -31.65
N LEU B 33 45.77 -9.85 -30.38
CA LEU B 33 46.45 -9.20 -29.27
C LEU B 33 47.16 -10.22 -28.41
N ARG B 34 48.44 -10.00 -28.15
CA ARG B 34 49.24 -10.84 -27.28
C ARG B 34 49.30 -10.20 -25.89
N ARG B 35 49.34 -11.05 -24.88
CA ARG B 35 49.27 -10.57 -23.50
C ARG B 35 50.38 -9.57 -23.22
N GLY B 36 50.02 -8.45 -22.60
CA GLY B 36 50.95 -7.41 -22.25
C GLY B 36 51.01 -6.26 -23.23
N GLU B 37 50.53 -6.45 -24.46
CA GLU B 37 50.62 -5.41 -25.47
C GLU B 37 49.61 -4.30 -25.20
N MET B 38 49.81 -3.18 -25.88
CA MET B 38 48.91 -2.03 -25.83
C MET B 38 48.64 -1.54 -27.25
N ALA B 39 47.42 -1.06 -27.48
CA ALA B 39 47.00 -0.62 -28.80
C ALA B 39 46.16 0.64 -28.67
N PHE B 40 46.08 1.40 -29.77
CA PHE B 40 45.37 2.68 -29.77
C PHE B 40 44.06 2.68 -30.53
N LEU B 41 43.90 1.83 -31.54
CA LEU B 41 42.63 1.68 -32.24
C LEU B 41 42.09 3.02 -32.73
N GLY B 42 42.90 3.74 -33.49
CA GLY B 42 42.48 5.02 -34.02
C GLY B 42 41.36 4.88 -35.04
N GLY B 43 40.53 5.92 -35.11
CA GLY B 43 39.44 5.94 -36.06
C GLY B 43 38.93 7.35 -36.27
N HIS B 44 38.02 7.50 -37.22
CA HIS B 44 37.43 8.79 -37.54
C HIS B 44 36.13 8.98 -36.75
N SER B 45 35.39 10.03 -37.07
CA SER B 45 34.17 10.34 -36.33
C SER B 45 33.17 9.19 -36.42
N GLY B 46 33.17 8.47 -37.55
CA GLY B 46 32.32 7.31 -37.72
C GLY B 46 33.06 6.04 -37.33
N ALA B 47 33.36 5.20 -38.32
CA ALA B 47 34.18 4.02 -38.07
C ALA B 47 33.50 3.08 -37.08
N GLY B 48 34.26 2.21 -36.44
CA GLY B 48 33.70 1.22 -35.54
C GLY B 48 34.34 1.11 -34.18
N LYS B 49 34.89 2.22 -33.65
CA LYS B 49 35.57 2.15 -32.37
C LYS B 49 34.61 1.73 -31.26
N SER B 50 33.51 2.45 -31.11
CA SER B 50 32.56 2.14 -30.04
C SER B 50 31.91 0.79 -30.28
N THR B 51 31.58 0.47 -31.53
CA THR B 51 31.02 -0.83 -31.83
C THR B 51 32.01 -1.94 -31.51
N LEU B 52 33.28 -1.73 -31.80
CA LEU B 52 34.30 -2.72 -31.45
C LEU B 52 34.38 -2.93 -29.95
N LEU B 53 34.38 -1.84 -29.18
CA LEU B 53 34.47 -1.97 -27.73
C LEU B 53 33.22 -2.63 -27.16
N LYS B 54 32.06 -2.39 -27.79
CA LYS B 54 30.84 -3.09 -27.35
C LYS B 54 30.91 -4.58 -27.68
N LEU B 55 31.41 -4.92 -28.87
CA LEU B 55 31.51 -6.32 -29.26
C LEU B 55 32.44 -7.09 -28.34
N ILE B 56 33.60 -6.50 -28.01
CA ILE B 56 34.62 -7.25 -27.27
C ILE B 56 34.06 -7.73 -25.93
N CYS B 57 33.33 -6.86 -25.23
CA CYS B 57 32.79 -7.20 -23.91
C CYS B 57 31.41 -7.83 -23.99
N ALA B 58 31.02 -8.33 -25.15
CA ALA B 58 29.84 -9.17 -25.32
C ALA B 58 28.53 -8.43 -25.04
N ILE B 59 28.54 -7.10 -25.07
CA ILE B 59 27.28 -6.37 -24.92
C ILE B 59 26.39 -6.61 -26.13
N GLU B 60 26.98 -6.73 -27.31
CA GLU B 60 26.25 -7.02 -28.54
C GLU B 60 26.95 -8.17 -29.27
N ARG B 61 26.16 -9.08 -29.81
CA ARG B 61 26.74 -10.25 -30.45
C ARG B 61 27.09 -9.95 -31.92
N PRO B 62 28.04 -10.69 -32.48
CA PRO B 62 28.39 -10.49 -33.89
C PRO B 62 27.44 -11.26 -34.79
N THR B 63 27.72 -11.20 -36.10
CA THR B 63 26.89 -11.87 -37.09
C THR B 63 27.68 -12.81 -38.00
N ASP B 64 28.85 -12.41 -38.47
CA ASP B 64 29.58 -13.15 -39.50
C ASP B 64 30.61 -14.11 -38.92
N GLY B 65 31.58 -13.59 -38.17
CA GLY B 65 32.75 -14.35 -37.77
C GLY B 65 32.63 -14.94 -36.38
N LYS B 66 33.79 -15.15 -35.75
CA LYS B 66 33.87 -15.71 -34.41
C LYS B 66 34.86 -14.90 -33.59
N ILE B 67 34.69 -14.93 -32.27
CA ILE B 67 35.55 -14.23 -31.33
C ILE B 67 36.07 -15.23 -30.32
N SER B 68 37.38 -15.18 -30.06
CA SER B 68 38.03 -16.04 -29.08
C SER B 68 38.70 -15.17 -28.04
N PHE B 69 38.39 -15.40 -26.76
CA PHE B 69 38.96 -14.62 -25.67
C PHE B 69 40.29 -15.21 -25.19
N ASN B 70 40.26 -16.44 -24.71
CA ASN B 70 41.48 -17.15 -24.32
C ASN B 70 41.43 -18.57 -24.89
N GLY B 71 41.08 -18.67 -26.16
CA GLY B 71 40.84 -19.95 -26.79
C GLY B 71 39.41 -20.46 -26.64
N HIS B 72 38.57 -19.76 -25.90
CA HIS B 72 37.18 -20.13 -25.72
C HIS B 72 36.31 -19.26 -26.62
N ASP B 73 35.48 -19.88 -27.44
CA ASP B 73 34.63 -19.14 -28.35
C ASP B 73 33.67 -18.24 -27.57
N ILE B 74 33.58 -16.98 -28.00
CA ILE B 74 32.64 -16.02 -27.45
C ILE B 74 31.56 -15.67 -28.47
N THR B 75 31.53 -16.38 -29.61
CA THR B 75 30.57 -16.05 -30.65
C THR B 75 29.14 -16.23 -30.17
N ARG B 76 28.86 -17.36 -29.51
CA ARG B 76 27.52 -17.71 -29.05
C ARG B 76 27.54 -18.05 -27.57
N ILE B 77 28.21 -17.21 -26.79
CA ILE B 77 28.27 -17.46 -25.34
C ILE B 77 26.86 -17.40 -24.76
N PRO B 78 26.43 -18.41 -23.99
CA PRO B 78 25.09 -18.32 -23.40
C PRO B 78 24.96 -17.12 -22.48
N ASN B 79 23.75 -16.57 -22.43
CA ASN B 79 23.53 -15.33 -21.69
C ASN B 79 23.83 -15.50 -20.20
N LYS B 80 23.86 -16.72 -19.69
CA LYS B 80 24.15 -16.93 -18.28
C LYS B 80 25.64 -16.85 -17.96
N ASP B 81 26.51 -16.97 -18.97
CA ASP B 81 27.96 -16.90 -18.75
C ASP B 81 28.53 -15.51 -18.99
N ILE B 82 27.72 -14.56 -19.47
CA ILE B 82 28.24 -13.23 -19.75
C ILE B 82 28.83 -12.58 -18.51
N PRO B 83 28.20 -12.64 -17.33
CA PRO B 83 28.80 -11.99 -16.16
C PRO B 83 30.19 -12.50 -15.83
N PHE B 84 30.42 -13.81 -15.95
CA PHE B 84 31.75 -14.34 -15.67
C PHE B 84 32.77 -13.77 -16.64
N LEU B 85 32.41 -13.65 -17.92
CA LEU B 85 33.30 -13.05 -18.89
C LEU B 85 33.58 -11.59 -18.54
N ARG B 86 32.53 -10.83 -18.23
CA ARG B 86 32.72 -9.41 -17.94
C ARG B 86 33.55 -9.19 -16.70
N ARG B 87 33.54 -10.15 -15.76
CA ARG B 87 34.36 -9.99 -14.57
C ARG B 87 35.84 -9.89 -14.91
N ASN B 88 36.26 -10.51 -16.02
CA ASN B 88 37.66 -10.47 -16.42
C ASN B 88 38.03 -9.17 -17.13
N ILE B 89 37.06 -8.43 -17.66
CA ILE B 89 37.31 -7.25 -18.47
C ILE B 89 36.91 -6.02 -17.68
N GLY B 90 37.82 -5.05 -17.60
CA GLY B 90 37.53 -3.74 -17.03
C GLY B 90 37.27 -2.75 -18.15
N ILE B 91 36.31 -1.87 -17.95
CA ILE B 91 35.84 -0.94 -18.97
C ILE B 91 35.89 0.48 -18.41
N VAL B 92 36.44 1.40 -19.18
CA VAL B 92 36.47 2.82 -18.86
C VAL B 92 35.73 3.57 -19.95
N PHE B 93 34.87 4.51 -19.56
CA PHE B 93 34.06 5.26 -20.50
C PHE B 93 34.36 6.75 -20.39
N GLN B 94 34.09 7.46 -21.48
CA GLN B 94 34.32 8.90 -21.49
C GLN B 94 33.48 9.61 -20.44
N ASP B 95 32.32 9.06 -20.09
CA ASP B 95 31.40 9.71 -19.16
C ASP B 95 31.75 9.47 -17.71
N HIS B 96 32.75 8.65 -17.42
CA HIS B 96 33.13 8.29 -16.05
C HIS B 96 31.89 8.00 -15.21
N ARG B 97 31.11 7.02 -15.67
CA ARG B 97 29.88 6.65 -14.97
C ARG B 97 30.15 6.42 -13.50
N LEU B 98 29.60 7.27 -12.64
CA LEU B 98 29.77 7.16 -11.21
C LEU B 98 28.43 7.33 -10.51
N LEU B 99 28.26 6.66 -9.38
CA LEU B 99 27.04 6.74 -8.59
C LEU B 99 27.20 7.93 -7.64
N MET B 100 26.52 9.03 -7.96
CA MET B 100 26.72 10.25 -7.19
C MET B 100 26.26 10.09 -5.74
N ASP B 101 25.27 9.23 -5.50
CA ASP B 101 24.74 9.07 -4.15
C ASP B 101 25.80 8.51 -3.21
N ARG B 102 26.55 7.50 -3.66
CA ARG B 102 27.46 6.78 -2.80
C ARG B 102 28.80 7.51 -2.69
N SER B 103 29.64 7.02 -1.78
CA SER B 103 30.97 7.60 -1.59
C SER B 103 31.96 6.98 -2.57
N ILE B 104 33.13 7.62 -2.67
CA ILE B 104 34.17 7.12 -3.57
C ILE B 104 34.62 5.72 -3.13
N TYR B 105 34.80 5.51 -1.84
CA TYR B 105 35.16 4.18 -1.35
C TYR B 105 34.12 3.15 -1.74
N ASP B 106 32.85 3.56 -1.79
CA ASP B 106 31.80 2.62 -2.20
C ASP B 106 31.84 2.39 -3.71
N ASN B 107 32.04 3.45 -4.49
CA ASN B 107 32.09 3.30 -5.94
C ASN B 107 33.23 2.38 -6.36
N VAL B 108 34.41 2.57 -5.77
CA VAL B 108 35.55 1.75 -6.14
C VAL B 108 35.42 0.33 -5.62
N ALA B 109 34.62 0.11 -4.59
CA ALA B 109 34.48 -1.21 -3.99
C ALA B 109 33.36 -2.04 -4.62
N LEU B 110 32.59 -1.47 -5.54
CA LEU B 110 31.46 -2.20 -6.09
C LEU B 110 31.87 -3.49 -6.80
N PRO B 111 32.90 -3.50 -7.64
CA PRO B 111 33.26 -4.76 -8.31
C PRO B 111 33.58 -5.88 -7.34
N MET B 112 34.21 -5.57 -6.21
CA MET B 112 34.50 -6.60 -5.22
C MET B 112 33.24 -7.06 -4.53
N ARG B 113 32.41 -6.12 -4.07
CA ARG B 113 31.18 -6.50 -3.37
C ARG B 113 30.26 -7.32 -4.25
N ILE B 114 30.34 -7.14 -5.57
CA ILE B 114 29.53 -7.94 -6.46
C ILE B 114 29.87 -9.42 -6.31
N GLU B 115 31.15 -9.73 -6.07
CA GLU B 115 31.57 -11.10 -5.86
C GLU B 115 31.36 -11.58 -4.43
N SER B 116 30.87 -10.73 -3.53
CA SER B 116 30.65 -11.09 -2.14
C SER B 116 31.97 -11.49 -1.47
N ILE B 117 32.89 -10.53 -1.40
CA ILE B 117 34.19 -10.70 -0.77
C ILE B 117 34.12 -10.14 0.64
N SER B 118 34.99 -10.66 1.52
CA SER B 118 34.99 -10.23 2.91
C SER B 118 35.36 -8.75 3.01
N GLU B 119 34.84 -8.11 4.05
CA GLU B 119 34.97 -6.65 4.16
C GLU B 119 36.44 -6.23 4.31
N ASN B 120 37.22 -6.97 5.10
CA ASN B 120 38.60 -6.56 5.35
C ASN B 120 39.44 -6.59 4.08
N GLU B 121 39.31 -7.67 3.29
CA GLU B 121 40.04 -7.75 2.04
C GLU B 121 39.60 -6.65 1.09
N ILE B 122 38.29 -6.37 1.05
CA ILE B 122 37.80 -5.27 0.22
C ILE B 122 38.46 -3.97 0.63
N LYS B 123 38.52 -3.71 1.93
CA LYS B 123 39.12 -2.47 2.41
C LYS B 123 40.58 -2.37 2.00
N ARG B 124 41.35 -3.43 2.22
CA ARG B 124 42.77 -3.35 1.89
C ARG B 124 42.99 -3.19 0.40
N ARG B 125 42.24 -3.93 -0.42
CA ARG B 125 42.42 -3.84 -1.86
C ARG B 125 42.01 -2.48 -2.40
N VAL B 126 40.89 -1.94 -1.91
CA VAL B 126 40.45 -0.62 -2.35
C VAL B 126 41.46 0.44 -1.94
N SER B 127 42.00 0.33 -0.72
CA SER B 127 43.02 1.28 -0.29
C SER B 127 44.24 1.20 -1.20
N ALA B 128 44.66 -0.01 -1.55
CA ALA B 128 45.81 -0.17 -2.43
C ALA B 128 45.55 0.48 -3.78
N ALA B 129 44.37 0.24 -4.36
CA ALA B 129 44.07 0.80 -5.68
C ALA B 129 44.00 2.32 -5.62
N LEU B 130 43.33 2.87 -4.61
CA LEU B 130 43.22 4.32 -4.51
C LEU B 130 44.58 4.97 -4.28
N ASP B 131 45.44 4.34 -3.48
CA ASP B 131 46.80 4.86 -3.33
C ASP B 131 47.55 4.80 -4.65
N LYS B 132 47.34 3.74 -5.42
CA LYS B 132 48.02 3.61 -6.71
C LYS B 132 47.60 4.71 -7.66
N THR B 133 46.32 5.07 -7.66
CA THR B 133 45.84 6.17 -8.49
C THR B 133 45.94 7.53 -7.80
N GLY B 134 46.44 7.59 -6.58
CA GLY B 134 46.68 8.85 -5.92
C GLY B 134 45.47 9.51 -5.29
N LEU B 135 44.38 8.77 -5.10
CA LEU B 135 43.16 9.31 -4.50
C LEU B 135 42.88 8.74 -3.12
N LEU B 136 43.89 8.19 -2.45
CA LEU B 136 43.67 7.60 -1.14
C LEU B 136 43.15 8.62 -0.14
N ASP B 137 43.58 9.88 -0.25
CA ASP B 137 43.19 10.89 0.73
C ASP B 137 41.69 11.11 0.73
N LYS B 138 41.07 11.17 -0.46
CA LYS B 138 39.66 11.49 -0.60
C LYS B 138 38.80 10.24 -0.76
N ALA B 139 39.17 9.14 -0.10
CA ALA B 139 38.42 7.91 -0.24
C ALA B 139 37.05 7.96 0.41
N ARG B 140 36.81 8.93 1.30
CA ARG B 140 35.57 9.00 2.05
C ARG B 140 34.67 10.14 1.60
N CYS B 141 35.02 10.83 0.53
CA CYS B 141 34.24 11.97 0.04
C CYS B 141 33.31 11.52 -1.09
N LEU B 142 32.35 12.39 -1.40
CA LEU B 142 31.41 12.12 -2.47
C LEU B 142 31.99 12.53 -3.83
N PRO B 143 31.54 11.91 -4.92
CA PRO B 143 32.10 12.24 -6.24
C PRO B 143 31.78 13.65 -6.69
N SER B 144 30.76 14.29 -6.12
CA SER B 144 30.40 15.64 -6.53
C SER B 144 31.53 16.63 -6.24
N GLN B 145 32.17 16.48 -5.09
CA GLN B 145 33.19 17.44 -4.68
C GLN B 145 34.43 17.34 -5.58
N LEU B 146 34.74 16.15 -6.08
CA LEU B 146 35.93 15.97 -6.89
C LEU B 146 35.84 16.74 -8.19
N SER B 147 36.99 17.15 -8.71
CA SER B 147 37.08 17.76 -10.03
C SER B 147 37.05 16.68 -11.12
N GLY B 148 37.02 17.11 -12.37
CA GLY B 148 36.86 16.18 -13.47
C GLY B 148 37.96 15.15 -13.55
N GLY B 149 39.21 15.60 -13.45
CA GLY B 149 40.33 14.66 -13.52
C GLY B 149 40.29 13.65 -12.40
N GLU B 150 39.97 14.10 -11.19
CA GLU B 150 39.84 13.18 -10.07
C GLU B 150 38.74 12.16 -10.32
N GLN B 151 37.62 12.60 -10.89
CA GLN B 151 36.55 11.66 -11.21
C GLN B 151 37.02 10.62 -12.23
N GLN B 152 37.76 11.04 -13.25
CA GLN B 152 38.27 10.09 -14.23
C GLN B 152 39.23 9.09 -13.58
N ARG B 153 40.10 9.57 -12.70
CA ARG B 153 41.02 8.66 -12.03
C ARG B 153 40.26 7.69 -11.13
N VAL B 154 39.20 8.15 -10.46
CA VAL B 154 38.38 7.25 -9.67
C VAL B 154 37.74 6.19 -10.56
N GLY B 155 37.28 6.59 -11.74
CA GLY B 155 36.72 5.62 -12.67
C GLY B 155 37.73 4.58 -13.09
N ILE B 156 38.97 5.01 -13.36
CA ILE B 156 40.02 4.07 -13.74
C ILE B 156 40.30 3.11 -12.60
N ALA B 157 40.36 3.63 -11.37
CA ALA B 157 40.59 2.76 -10.22
C ALA B 157 39.48 1.74 -10.08
N ARG B 158 38.23 2.18 -10.24
CA ARG B 158 37.11 1.26 -10.14
C ARG B 158 37.19 0.19 -11.23
N ALA B 159 37.64 0.58 -12.43
CA ALA B 159 37.77 -0.39 -13.50
C ALA B 159 38.85 -1.43 -13.19
N VAL B 160 39.96 -0.99 -12.60
CA VAL B 160 41.14 -1.85 -12.46
C VAL B 160 41.21 -2.55 -11.11
N VAL B 161 40.27 -2.29 -10.20
CA VAL B 161 40.37 -2.85 -8.85
C VAL B 161 40.42 -4.38 -8.90
N ASN B 162 39.62 -4.99 -9.77
CA ASN B 162 39.41 -6.44 -9.72
C ASN B 162 40.43 -7.22 -10.55
N ARG B 163 41.64 -6.70 -10.73
CA ARG B 163 42.69 -7.39 -11.45
C ARG B 163 42.21 -7.92 -12.80
N PRO B 164 41.68 -7.06 -13.67
CA PRO B 164 41.22 -7.53 -14.97
C PRO B 164 42.38 -7.99 -15.84
N THR B 165 42.11 -9.00 -16.67
CA THR B 165 43.11 -9.46 -17.62
C THR B 165 43.23 -8.51 -18.81
N LEU B 166 42.11 -7.97 -19.26
CA LEU B 166 42.08 -7.03 -20.37
C LEU B 166 41.33 -5.78 -19.94
N LEU B 167 41.92 -4.62 -20.19
CA LEU B 167 41.32 -3.33 -19.84
C LEU B 167 40.97 -2.59 -21.12
N LEU B 168 39.72 -2.17 -21.24
CA LEU B 168 39.22 -1.48 -22.41
C LEU B 168 38.85 -0.05 -22.04
N ALA B 169 39.36 0.91 -22.80
CA ALA B 169 39.07 2.32 -22.59
C ALA B 169 38.40 2.87 -23.83
N ASP B 170 37.28 3.56 -23.65
CA ASP B 170 36.49 4.12 -24.74
C ASP B 170 36.62 5.64 -24.68
N GLU B 171 37.66 6.17 -25.33
CA GLU B 171 37.93 7.60 -25.34
C GLU B 171 37.92 8.14 -23.91
N PRO B 172 38.82 7.65 -23.05
CA PRO B 172 38.80 8.10 -21.65
C PRO B 172 39.11 9.57 -21.48
N THR B 173 39.67 10.22 -22.49
CA THR B 173 40.14 11.59 -22.39
C THR B 173 39.24 12.56 -23.14
N GLY B 174 37.95 12.22 -23.28
CA GLY B 174 37.06 13.08 -24.05
C GLY B 174 36.84 14.43 -23.41
N ASN B 175 36.70 14.47 -22.09
CA ASN B 175 36.29 15.68 -21.38
C ASN B 175 37.43 16.36 -20.64
N LEU B 176 38.68 16.14 -21.06
CA LEU B 176 39.83 16.73 -20.38
C LEU B 176 40.74 17.39 -21.40
N ASP B 177 41.32 18.51 -21.00
CA ASP B 177 42.28 19.20 -21.84
C ASP B 177 43.58 18.40 -21.92
N PRO B 178 44.42 18.70 -22.92
CA PRO B 178 45.61 17.85 -23.12
C PRO B 178 46.51 17.72 -21.90
N GLU B 179 46.55 18.75 -21.04
CA GLU B 179 47.41 18.68 -19.87
C GLU B 179 47.06 17.46 -19.02
N LEU B 180 45.78 17.27 -18.73
CA LEU B 180 45.35 16.06 -18.01
C LEU B 180 45.34 14.83 -18.89
N SER B 181 45.25 15.01 -20.21
CA SER B 181 45.37 13.88 -21.12
C SER B 181 46.72 13.18 -20.94
N SER B 182 47.78 13.96 -20.81
CA SER B 182 49.10 13.38 -20.61
C SER B 182 49.14 12.56 -19.32
N ARG B 183 48.58 13.10 -18.23
CA ARG B 183 48.61 12.38 -16.97
C ARG B 183 47.82 11.08 -17.06
N VAL B 184 46.63 11.12 -17.66
CA VAL B 184 45.82 9.91 -17.77
C VAL B 184 46.53 8.87 -18.62
N LEU B 185 47.15 9.30 -19.73
CA LEU B 185 47.87 8.35 -20.57
C LEU B 185 49.05 7.75 -19.83
N ARG B 186 49.75 8.56 -19.03
CA ARG B 186 50.86 8.02 -18.24
C ARG B 186 50.36 7.00 -17.22
N LEU B 187 49.21 7.26 -16.62
CA LEU B 187 48.62 6.29 -15.69
C LEU B 187 48.32 4.97 -16.40
N PHE B 188 47.73 5.05 -17.59
CA PHE B 188 47.48 3.84 -18.37
C PHE B 188 48.78 3.12 -18.70
N GLU B 189 49.83 3.88 -19.02
CA GLU B 189 51.13 3.27 -19.30
C GLU B 189 51.67 2.53 -18.08
N GLU B 190 51.53 3.14 -16.90
CA GLU B 190 51.96 2.45 -15.68
C GLU B 190 51.20 1.16 -15.48
N PHE B 191 49.88 1.20 -15.67
CA PHE B 191 49.10 -0.02 -15.53
C PHE B 191 49.54 -1.08 -16.53
N ASN B 192 49.86 -0.67 -17.75
CA ASN B 192 50.37 -1.64 -18.73
C ASN B 192 51.70 -2.22 -18.29
N ARG B 193 52.58 -1.39 -17.74
CA ARG B 193 53.84 -1.89 -17.20
C ARG B 193 53.60 -2.92 -16.11
N ALA B 194 52.57 -2.71 -15.29
CA ALA B 194 52.26 -3.67 -14.26
C ALA B 194 51.97 -5.06 -14.83
N GLY B 195 51.53 -5.12 -16.08
CA GLY B 195 51.26 -6.39 -16.73
C GLY B 195 49.83 -6.57 -17.18
N VAL B 196 49.07 -5.47 -17.21
CA VAL B 196 47.66 -5.50 -17.58
C VAL B 196 47.53 -5.13 -19.05
N THR B 197 47.00 -6.05 -19.86
CA THR B 197 46.76 -5.74 -21.26
C THR B 197 45.76 -4.61 -21.39
N ILE B 198 45.97 -3.76 -22.38
CA ILE B 198 45.10 -2.60 -22.61
C ILE B 198 44.81 -2.48 -24.09
N LEU B 199 43.60 -1.99 -24.40
CA LEU B 199 43.23 -1.61 -25.78
C LEU B 199 42.54 -0.26 -25.68
N LEU B 200 43.34 0.81 -25.75
CA LEU B 200 42.80 2.15 -25.73
C LEU B 200 42.17 2.48 -27.08
N ALA B 201 41.13 3.32 -27.05
CA ALA B 201 40.42 3.73 -28.25
C ALA B 201 40.28 5.24 -28.24
N THR B 202 40.76 5.89 -29.31
CA THR B 202 40.68 7.34 -29.40
C THR B 202 40.74 7.78 -30.85
N HIS B 203 40.13 8.93 -31.15
CA HIS B 203 40.21 9.55 -32.46
C HIS B 203 41.20 10.70 -32.50
N ASP B 204 41.91 10.95 -31.41
CA ASP B 204 42.88 12.05 -31.35
C ASP B 204 44.18 11.60 -32.00
N ILE B 205 44.46 12.11 -33.19
CA ILE B 205 45.66 11.70 -33.91
C ILE B 205 46.92 12.19 -33.20
N HIS B 206 46.85 13.38 -32.59
CA HIS B 206 48.04 13.92 -31.94
C HIS B 206 48.50 13.03 -30.80
N LEU B 207 47.56 12.56 -29.97
CA LEU B 207 47.93 11.75 -28.82
C LEU B 207 48.62 10.46 -29.27
N VAL B 208 48.04 9.77 -30.26
CA VAL B 208 48.63 8.53 -30.74
C VAL B 208 49.99 8.79 -31.37
N ASN B 209 50.10 9.85 -32.17
CA ASN B 209 51.38 10.17 -32.78
C ASN B 209 52.44 10.55 -31.75
N SER B 210 52.02 10.97 -30.56
CA SER B 210 52.99 11.35 -29.54
C SER B 210 53.86 10.16 -29.13
N ARG B 211 53.25 8.99 -28.98
CA ARG B 211 53.94 7.80 -28.49
C ARG B 211 53.86 6.66 -29.50
N PRO B 212 54.88 6.46 -30.33
CA PRO B 212 54.82 5.40 -31.34
C PRO B 212 55.26 4.02 -30.88
N GLN B 213 55.56 3.82 -29.59
CA GLN B 213 56.03 2.51 -29.14
C GLN B 213 54.97 1.44 -29.36
N TYR B 214 53.72 1.75 -29.05
CA TYR B 214 52.65 0.77 -29.07
C TYR B 214 52.05 0.63 -30.47
N ARG B 215 51.78 -0.59 -30.88
CA ARG B 215 51.22 -0.84 -32.20
C ARG B 215 49.91 -0.07 -32.35
N HIS B 216 49.73 0.51 -33.54
CA HIS B 216 48.55 1.33 -33.84
C HIS B 216 47.70 0.63 -34.87
N LEU B 217 46.41 0.50 -34.57
CA LEU B 217 45.42 -0.04 -35.51
C LEU B 217 44.48 1.09 -35.89
N GLU B 218 44.38 1.36 -37.19
CA GLU B 218 43.50 2.40 -37.71
C GLU B 218 42.24 1.74 -38.25
N LEU B 219 41.09 2.24 -37.81
CA LEU B 219 39.80 1.72 -38.23
C LEU B 219 39.13 2.75 -39.12
N ASN B 220 38.81 2.36 -40.35
CA ASN B 220 38.32 3.29 -41.37
C ASN B 220 37.11 2.68 -42.05
N GLN B 221 35.94 3.27 -41.80
CA GLN B 221 34.69 2.85 -42.44
C GLN B 221 34.47 1.35 -42.29
N GLY B 222 34.76 0.83 -41.10
CA GLY B 222 34.55 -0.57 -40.81
C GLY B 222 35.65 -1.50 -41.26
N PHE B 223 36.72 -0.98 -41.86
CA PHE B 223 37.85 -1.78 -42.28
C PHE B 223 39.05 -1.44 -41.41
N LEU B 224 39.79 -2.47 -41.00
CA LEU B 224 40.93 -2.32 -40.10
C LEU B 224 42.20 -2.62 -40.88
N SER B 225 43.00 -1.58 -41.13
CA SER B 225 44.25 -1.76 -41.86
C SER B 225 45.29 -2.46 -41.01
N GLU B 226 45.34 -2.16 -39.72
CA GLU B 226 46.30 -2.76 -38.80
C GLU B 226 47.73 -2.29 -39.08
N VAL B 227 47.85 -1.03 -39.51
CA VAL B 227 49.16 -0.45 -39.81
C VAL B 227 49.20 0.99 -39.31
N ALA C 27 2.10 35.93 -33.85
CA ALA C 27 2.28 34.50 -33.74
C ALA C 27 0.97 33.82 -33.35
N LYS C 28 0.46 32.97 -34.25
CA LYS C 28 -0.79 32.28 -34.00
C LYS C 28 -0.64 31.33 -32.81
N THR C 29 -1.63 31.36 -31.91
CA THR C 29 -1.64 30.52 -30.73
C THR C 29 -3.01 29.87 -30.57
N ASP C 30 -3.01 28.61 -30.17
CA ASP C 30 -4.26 27.88 -29.99
C ASP C 30 -5.05 28.45 -28.82
N SER C 31 -6.37 28.31 -28.90
CA SER C 31 -7.25 28.85 -27.87
C SER C 31 -7.15 28.01 -26.59
N PHE C 32 -7.83 28.49 -25.56
CA PHE C 32 -7.74 27.85 -24.25
C PHE C 32 -8.27 26.43 -24.30
N LEU C 33 -9.42 26.21 -24.93
CA LEU C 33 -10.05 24.89 -24.93
C LEU C 33 -9.37 23.92 -25.87
N ALA C 34 -8.81 24.41 -26.98
CA ALA C 34 -8.21 23.51 -27.97
C ALA C 34 -7.03 22.77 -27.37
N ILE C 35 -6.17 23.47 -26.64
CA ILE C 35 -5.00 22.83 -26.04
C ILE C 35 -5.44 21.80 -25.02
N HIS C 36 -6.43 22.12 -24.20
CA HIS C 36 -6.89 21.16 -23.19
C HIS C 36 -7.48 19.91 -23.85
N PHE C 37 -8.27 20.09 -24.90
CA PHE C 37 -8.86 18.93 -25.57
C PHE C 37 -7.77 18.07 -26.20
N LYS C 38 -6.79 18.70 -26.85
CA LYS C 38 -5.69 17.93 -27.43
C LYS C 38 -4.94 17.17 -26.34
N GLN C 39 -4.68 17.81 -25.21
CA GLN C 39 -3.97 17.14 -24.13
C GLN C 39 -4.77 15.95 -23.61
N ALA C 40 -6.08 16.12 -23.46
CA ALA C 40 -6.91 15.01 -22.98
C ALA C 40 -6.85 13.83 -23.94
N LYS C 41 -7.03 14.10 -25.24
CA LYS C 41 -7.00 13.02 -26.21
C LYS C 41 -5.63 12.34 -26.24
N ALA C 42 -4.56 13.14 -26.21
CA ALA C 42 -3.22 12.56 -26.25
C ALA C 42 -2.94 11.72 -25.01
N SER C 43 -3.32 12.22 -23.83
CA SER C 43 -3.10 11.46 -22.61
C SER C 43 -3.86 10.15 -22.64
N PHE C 44 -5.12 10.18 -23.10
CA PHE C 44 -5.87 8.94 -23.21
C PHE C 44 -5.18 7.98 -24.16
N ALA C 45 -4.70 8.47 -25.30
CA ALA C 45 -4.01 7.60 -26.25
C ALA C 45 -2.72 7.05 -25.67
N ALA C 46 -2.08 7.77 -24.75
CA ALA C 46 -0.79 7.35 -24.21
C ALA C 46 -0.89 6.11 -23.35
N LEU C 47 -2.06 5.81 -22.79
CA LEU C 47 -2.18 4.67 -21.89
C LEU C 47 -1.87 3.36 -22.60
N TRP C 48 -2.00 3.32 -23.92
CA TRP C 48 -1.78 2.08 -24.67
C TRP C 48 -0.30 1.79 -24.90
N ARG C 49 0.60 2.72 -24.58
CA ARG C 49 2.03 2.44 -24.74
C ARG C 49 2.48 1.34 -23.79
N ARG C 50 1.94 1.31 -22.57
CA ARG C 50 2.29 0.33 -21.55
C ARG C 50 1.01 -0.31 -21.07
N PRO C 51 0.44 -1.23 -21.86
CA PRO C 51 -0.89 -1.76 -21.51
C PRO C 51 -0.93 -2.44 -20.15
N LEU C 52 0.05 -3.28 -19.84
CA LEU C 52 -0.02 -4.07 -18.60
C LEU C 52 0.09 -3.18 -17.37
N GLY C 53 1.04 -2.25 -17.38
CA GLY C 53 1.24 -1.40 -16.21
C GLY C 53 0.04 -0.54 -15.91
N ASN C 54 -0.60 0.01 -16.95
CA ASN C 54 -1.77 0.85 -16.76
C ASN C 54 -3.06 0.06 -16.64
N ILE C 55 -3.04 -1.24 -16.92
CA ILE C 55 -4.22 -2.08 -16.73
C ILE C 55 -4.27 -2.63 -15.31
N LEU C 56 -3.13 -3.04 -14.76
CA LEU C 56 -3.12 -3.54 -13.39
C LEU C 56 -3.57 -2.46 -12.41
N THR C 57 -3.09 -1.23 -12.60
CA THR C 57 -3.50 -0.15 -11.71
C THR C 57 -5.00 0.13 -11.84
N LEU C 58 -5.53 0.09 -13.06
CA LEU C 58 -6.97 0.27 -13.22
C LEU C 58 -7.75 -0.82 -12.51
N ALA C 59 -7.29 -2.07 -12.62
CA ALA C 59 -7.96 -3.17 -11.94
C ALA C 59 -7.93 -2.98 -10.43
N VAL C 60 -6.78 -2.57 -9.89
CA VAL C 60 -6.66 -2.36 -8.45
C VAL C 60 -7.61 -1.26 -7.99
N ILE C 61 -7.64 -0.15 -8.73
CA ILE C 61 -8.54 0.94 -8.36
C ILE C 61 -9.98 0.47 -8.42
N SER C 62 -10.33 -0.28 -9.47
CA SER C 62 -11.71 -0.75 -9.61
C SER C 62 -12.12 -1.61 -8.43
N MET C 63 -11.27 -2.56 -8.05
CA MET C 63 -11.61 -3.44 -6.92
C MET C 63 -11.68 -2.65 -5.61
N ALA C 64 -10.72 -1.76 -5.38
CA ALA C 64 -10.71 -1.01 -4.14
C ALA C 64 -11.94 -0.13 -4.01
N LEU C 65 -12.41 0.43 -5.12
CA LEU C 65 -13.60 1.27 -5.08
C LEU C 65 -14.88 0.44 -5.05
N ALA C 66 -14.86 -0.77 -5.61
CA ALA C 66 -16.05 -1.61 -5.61
C ALA C 66 -16.32 -2.25 -4.26
N LEU C 67 -15.27 -2.48 -3.46
CA LEU C 67 -15.48 -3.03 -2.12
C LEU C 67 -16.50 -2.20 -1.35
N PRO C 68 -16.20 -0.93 -1.03
CA PRO C 68 -17.17 -0.14 -0.26
C PRO C 68 -18.50 0.01 -0.97
N ALA C 69 -18.53 0.02 -2.30
CA ALA C 69 -19.80 0.10 -3.01
C ALA C 69 -20.68 -1.11 -2.69
N SER C 70 -20.11 -2.31 -2.73
CA SER C 70 -20.88 -3.50 -2.40
C SER C 70 -21.30 -3.50 -0.93
N LEU C 71 -20.41 -3.06 -0.04
CA LEU C 71 -20.79 -2.98 1.36
C LEU C 71 -21.97 -2.04 1.56
N TYR C 72 -21.94 -0.87 0.92
CA TYR C 72 -23.05 0.07 1.00
C TYR C 72 -24.31 -0.54 0.40
N LEU C 73 -24.18 -1.29 -0.68
CA LEU C 73 -25.35 -1.92 -1.29
C LEU C 73 -26.03 -2.87 -0.32
N LEU C 74 -25.23 -3.72 0.33
CA LEU C 74 -25.80 -4.65 1.30
C LEU C 74 -26.42 -3.90 2.49
N SER C 75 -25.74 -2.86 2.96
CA SER C 75 -26.29 -2.09 4.07
C SER C 75 -27.63 -1.48 3.70
N LYS C 76 -27.73 -0.90 2.50
CA LYS C 76 -28.98 -0.31 2.05
C LYS C 76 -30.07 -1.37 1.95
N ASN C 77 -29.74 -2.55 1.41
CA ASN C 77 -30.75 -3.60 1.28
C ASN C 77 -31.27 -4.04 2.65
N ILE C 78 -30.37 -4.24 3.62
CA ILE C 78 -30.82 -4.69 4.93
C ILE C 78 -31.62 -3.59 5.62
N ALA C 79 -31.22 -2.33 5.44
CA ALA C 79 -31.99 -1.24 6.02
C ALA C 79 -33.40 -1.18 5.43
N SER C 80 -33.51 -1.35 4.11
CA SER C 80 -34.82 -1.37 3.49
C SER C 80 -35.67 -2.52 4.01
N VAL C 81 -35.05 -3.69 4.17
CA VAL C 81 -35.79 -4.83 4.73
C VAL C 81 -36.29 -4.50 6.12
N ALA C 82 -35.43 -3.94 6.96
CA ALA C 82 -35.82 -3.62 8.34
C ALA C 82 -36.97 -2.63 8.36
N GLU C 83 -36.90 -1.58 7.54
CA GLU C 83 -37.99 -0.60 7.49
C GLU C 83 -39.27 -1.24 6.96
N ARG C 84 -39.15 -2.11 5.95
CA ARG C 84 -40.32 -2.68 5.31
C ARG C 84 -41.11 -3.60 6.24
N VAL C 85 -40.42 -4.33 7.12
CA VAL C 85 -41.08 -5.38 7.89
C VAL C 85 -42.25 -4.82 8.68
N ALA C 86 -42.05 -3.70 9.38
CA ALA C 86 -43.10 -3.12 10.20
C ALA C 86 -42.70 -1.72 10.60
N GLU C 87 -43.66 -0.79 10.51
CA GLU C 87 -43.45 0.59 10.97
C GLU C 87 -44.65 1.09 11.77
N PRO C 88 -45.10 0.35 12.78
CA PRO C 88 -46.13 0.87 13.69
C PRO C 88 -45.51 1.70 14.81
N SER C 89 -46.38 2.26 15.65
CA SER C 89 -45.96 3.04 16.80
C SER C 89 -46.78 2.61 18.01
N GLN C 90 -46.09 2.17 19.06
CA GLN C 90 -46.74 1.76 20.30
C GLN C 90 -45.85 2.15 21.48
N LEU C 91 -46.48 2.55 22.57
CA LEU C 91 -45.78 2.99 23.78
C LEU C 91 -46.13 2.06 24.93
N SER C 92 -45.12 1.56 25.62
CA SER C 92 -45.28 0.63 26.73
C SER C 92 -44.80 1.27 28.02
N VAL C 93 -45.54 1.02 29.10
CA VAL C 93 -45.20 1.54 30.42
C VAL C 93 -45.22 0.38 31.41
N TYR C 94 -44.18 0.29 32.24
CA TYR C 94 -44.06 -0.76 33.22
C TYR C 94 -44.40 -0.22 34.60
N LEU C 95 -45.42 -0.79 35.24
CA LEU C 95 -45.81 -0.38 36.57
C LEU C 95 -44.91 -1.03 37.61
N HIS C 96 -44.76 -0.35 38.74
CA HIS C 96 -43.93 -0.86 39.82
C HIS C 96 -44.57 -2.07 40.47
N ILE C 97 -43.71 -2.99 40.95
CA ILE C 97 -44.21 -4.19 41.61
C ILE C 97 -44.93 -3.83 42.90
N ASP C 98 -44.54 -2.72 43.54
CA ASP C 98 -45.12 -2.36 44.83
C ASP C 98 -46.62 -2.08 44.70
N THR C 99 -47.05 -1.55 43.56
CA THR C 99 -48.45 -1.19 43.41
C THR C 99 -49.33 -2.43 43.55
N PRO C 100 -50.37 -2.39 44.39
CA PRO C 100 -51.24 -3.56 44.55
C PRO C 100 -52.25 -3.68 43.41
N GLU C 101 -52.91 -4.83 43.37
CA GLU C 101 -53.84 -5.12 42.28
C GLU C 101 -54.99 -4.12 42.21
N PRO C 102 -55.69 -3.80 43.31
CA PRO C 102 -56.83 -2.88 43.19
C PRO C 102 -56.47 -1.53 42.59
N ARG C 103 -55.29 -1.00 42.91
CA ARG C 103 -54.88 0.28 42.34
C ARG C 103 -54.68 0.20 40.84
N ILE C 104 -54.52 -1.00 40.29
CA ILE C 104 -54.34 -1.15 38.85
C ILE C 104 -55.57 -0.66 38.11
N ILE C 105 -56.75 -1.02 38.60
CA ILE C 105 -57.99 -0.59 37.94
C ILE C 105 -58.12 0.93 38.02
N VAL C 106 -57.77 1.51 39.16
CA VAL C 106 -57.86 2.96 39.32
C VAL C 106 -56.92 3.64 38.33
N LEU C 107 -55.69 3.14 38.21
CA LEU C 107 -54.74 3.73 37.28
C LEU C 107 -55.21 3.56 35.84
N LYS C 108 -55.80 2.42 35.52
CA LYS C 108 -56.33 2.20 34.18
C LYS C 108 -57.43 3.21 33.86
N ASP C 109 -58.34 3.43 34.82
CA ASP C 109 -59.41 4.40 34.62
C ASP C 109 -58.85 5.81 34.46
N ASP C 110 -57.86 6.17 35.29
CA ASP C 110 -57.27 7.49 35.20
C ASP C 110 -56.60 7.70 33.84
N LEU C 111 -55.87 6.69 33.36
CA LEU C 111 -55.24 6.80 32.05
C LEU C 111 -56.29 6.93 30.95
N GLU C 112 -57.36 6.15 31.04
CA GLU C 112 -58.41 6.23 30.03
C GLU C 112 -59.05 7.60 30.01
N ARG C 113 -59.27 8.19 31.19
CA ARG C 113 -59.92 9.50 31.26
C ARG C 113 -59.07 10.57 30.57
N ARG C 114 -57.75 10.54 30.79
CA ARG C 114 -56.88 11.57 30.23
C ARG C 114 -56.84 11.46 28.71
N ASP C 115 -56.62 12.60 28.06
CA ASP C 115 -56.58 12.65 26.61
C ASP C 115 -55.30 12.00 26.07
N GLU C 116 -55.33 11.67 24.78
CA GLU C 116 -54.24 11.01 24.08
C GLU C 116 -54.02 9.58 24.56
N ILE C 117 -54.98 9.03 25.31
CA ILE C 117 -54.84 7.69 25.89
C ILE C 117 -56.07 6.89 25.46
N ALA C 118 -56.59 7.18 24.27
CA ALA C 118 -57.82 6.54 23.82
C ALA C 118 -57.71 5.03 23.84
N LYS C 119 -56.63 4.48 23.28
CA LYS C 119 -56.45 3.03 23.19
C LYS C 119 -55.45 2.58 24.25
N VAL C 120 -55.87 1.64 25.08
CA VAL C 120 -55.03 1.10 26.14
C VAL C 120 -55.28 -0.40 26.25
N LYS C 121 -54.21 -1.16 26.49
CA LYS C 121 -54.29 -2.60 26.74
C LYS C 121 -53.53 -2.91 28.01
N TYR C 122 -54.09 -3.80 28.82
CA TYR C 122 -53.51 -4.20 30.09
C TYR C 122 -53.21 -5.69 30.08
N ILE C 123 -52.05 -6.06 30.63
CA ILE C 123 -51.61 -7.45 30.71
C ILE C 123 -51.47 -7.80 32.18
N SER C 124 -52.21 -8.82 32.61
CA SER C 124 -52.13 -9.27 33.99
C SER C 124 -50.81 -10.00 34.22
N PRO C 125 -50.31 -10.03 35.46
CA PRO C 125 -49.08 -10.80 35.73
C PRO C 125 -49.20 -12.26 35.31
N GLN C 126 -50.38 -12.87 35.48
CA GLN C 126 -50.57 -14.24 35.00
C GLN C 126 -50.42 -14.31 33.49
N GLN C 127 -50.96 -13.33 32.77
CA GLN C 127 -50.81 -13.31 31.32
C GLN C 127 -49.34 -13.16 30.93
N GLY C 128 -48.61 -12.31 31.65
CA GLY C 128 -47.18 -12.18 31.39
C GLY C 128 -46.43 -13.48 31.65
N LEU C 129 -46.78 -14.18 32.72
CA LEU C 129 -46.15 -15.46 33.01
C LEU C 129 -46.45 -16.47 31.90
N ASP C 130 -47.68 -16.48 31.41
CA ASP C 130 -48.03 -17.36 30.30
C ASP C 130 -47.21 -17.02 29.06
N ASP C 131 -47.06 -15.73 28.77
CA ASP C 131 -46.25 -15.32 27.62
C ASP C 131 -44.82 -15.78 27.78
N LEU C 132 -44.25 -15.62 28.98
CA LEU C 132 -42.88 -16.05 29.22
C LEU C 132 -42.75 -17.56 29.06
N SER C 133 -43.72 -18.31 29.56
CA SER C 133 -43.68 -19.76 29.41
C SER C 133 -43.75 -20.16 27.94
N GLN C 134 -44.58 -19.48 27.16
CA GLN C 134 -44.66 -19.76 25.73
C GLN C 134 -43.34 -19.44 25.05
N TYR C 135 -42.69 -18.34 25.45
CA TYR C 135 -41.46 -17.94 24.78
C TYR C 135 -40.38 -19.00 24.91
N ALA C 136 -40.26 -19.61 26.10
CA ALA C 136 -39.23 -20.61 26.32
C ALA C 136 -39.52 -21.94 25.63
N GLY C 137 -40.72 -22.10 25.06
CA GLY C 137 -41.07 -23.31 24.34
C GLY C 137 -41.96 -24.26 25.11
N PHE C 138 -42.33 -23.95 26.34
CA PHE C 138 -43.24 -24.79 27.09
C PHE C 138 -44.64 -24.72 26.51
N GLU C 139 -45.28 -25.89 26.39
CA GLU C 139 -46.64 -25.92 25.85
C GLU C 139 -47.65 -25.37 26.86
N GLN C 140 -47.38 -25.53 28.15
CA GLN C 140 -48.25 -25.03 29.20
C GLN C 140 -47.43 -24.22 30.19
N ALA C 141 -48.11 -23.32 30.91
CA ALA C 141 -47.42 -22.42 31.82
C ALA C 141 -46.56 -23.19 32.80
N ILE C 142 -45.31 -22.75 32.96
CA ILE C 142 -44.37 -23.45 33.82
C ILE C 142 -44.76 -23.25 35.27
N SER C 143 -44.62 -24.31 36.07
CA SER C 143 -44.97 -24.29 37.48
C SER C 143 -43.79 -23.78 38.30
N LEU C 144 -43.91 -23.88 39.63
CA LEU C 144 -42.84 -23.54 40.57
C LEU C 144 -42.25 -22.16 40.28
N LEU C 145 -43.04 -21.27 39.69
CA LEU C 145 -42.64 -19.87 39.53
C LEU C 145 -43.50 -18.92 40.33
N ASP C 146 -44.65 -19.36 40.85
CA ASP C 146 -45.51 -18.52 41.66
C ASP C 146 -46.22 -17.49 40.77
N ASN C 147 -47.05 -16.65 41.37
CA ASN C 147 -47.79 -15.63 40.64
C ASN C 147 -47.14 -14.26 40.71
N ALA C 148 -46.04 -14.12 41.45
CA ALA C 148 -45.35 -12.85 41.61
C ALA C 148 -44.06 -12.79 40.79
N THR C 149 -43.95 -13.62 39.75
CA THR C 149 -42.71 -13.67 38.97
C THR C 149 -42.44 -12.33 38.28
N LEU C 150 -43.47 -11.71 37.71
CA LEU C 150 -43.29 -10.53 36.90
C LEU C 150 -44.22 -9.41 37.36
N PRO C 151 -43.86 -8.16 37.09
CA PRO C 151 -44.78 -7.05 37.39
C PRO C 151 -45.78 -6.83 36.27
N ALA C 152 -46.88 -6.18 36.63
CA ALA C 152 -47.91 -5.86 35.65
C ALA C 152 -47.42 -4.81 34.66
N VAL C 153 -47.88 -4.92 33.42
CA VAL C 153 -47.44 -4.06 32.34
C VAL C 153 -48.66 -3.52 31.60
N LEU C 154 -48.62 -2.23 31.26
CA LEU C 154 -49.65 -1.58 30.46
C LEU C 154 -49.01 -0.95 29.23
N VAL C 155 -49.78 -0.90 28.14
CA VAL C 155 -49.32 -0.33 26.89
C VAL C 155 -50.34 0.69 26.42
N VAL C 156 -49.85 1.84 25.96
CA VAL C 156 -50.69 2.94 25.49
C VAL C 156 -50.32 3.24 24.05
N THR C 157 -51.33 3.30 23.18
CA THR C 157 -51.09 3.64 21.79
C THR C 157 -50.84 5.15 21.65
N PRO C 158 -50.05 5.56 20.66
CA PRO C 158 -49.80 7.00 20.45
C PRO C 158 -50.97 7.65 19.73
N LYS C 159 -51.76 8.43 20.48
CA LYS C 159 -52.87 9.15 19.88
C LYS C 159 -52.41 10.38 19.10
N VAL C 160 -51.34 11.04 19.57
CA VAL C 160 -50.81 12.23 18.93
C VAL C 160 -49.64 11.82 18.04
N ASP C 161 -49.64 12.30 16.80
CA ASP C 161 -48.58 11.95 15.86
C ASP C 161 -47.22 12.49 16.30
N SER C 162 -47.20 13.49 17.17
CA SER C 162 -45.94 14.06 17.64
C SER C 162 -45.23 13.04 18.53
N ARG C 163 -44.20 12.40 17.97
CA ARG C 163 -43.48 11.38 18.72
C ARG C 163 -42.80 11.96 19.94
N GLU C 164 -42.14 13.11 19.79
CA GLU C 164 -41.41 13.70 20.91
C GLU C 164 -42.37 14.16 22.00
N GLN C 165 -43.41 14.90 21.63
CA GLN C 165 -44.37 15.39 22.61
C GLN C 165 -45.10 14.22 23.28
N ILE C 166 -45.48 13.23 22.51
CA ILE C 166 -46.18 12.07 23.07
C ILE C 166 -45.27 11.34 24.05
N GLN C 167 -44.01 11.15 23.68
CA GLN C 167 -43.07 10.48 24.59
C GLN C 167 -42.86 11.28 25.87
N THR C 168 -42.72 12.60 25.75
CA THR C 168 -42.55 13.43 26.93
C THR C 168 -43.76 13.35 27.85
N LEU C 169 -44.97 13.42 27.27
CA LEU C 169 -46.17 13.34 28.08
C LEU C 169 -46.29 11.98 28.76
N ALA C 170 -45.99 10.91 28.03
CA ALA C 170 -46.06 9.57 28.62
C ALA C 170 -45.05 9.43 29.76
N LYS C 171 -43.83 9.92 29.57
CA LYS C 171 -42.82 9.85 30.62
C LYS C 171 -43.27 10.63 31.85
N ALA C 172 -43.81 11.84 31.63
CA ALA C 172 -44.28 12.64 32.77
C ALA C 172 -45.40 11.93 33.50
N LEU C 173 -46.36 11.35 32.77
CA LEU C 173 -47.46 10.65 33.41
C LEU C 173 -46.96 9.45 34.21
N GLN C 174 -46.03 8.68 33.63
CA GLN C 174 -45.50 7.52 34.34
C GLN C 174 -44.75 7.95 35.60
N ALA C 175 -43.96 9.03 35.51
CA ALA C 175 -43.26 9.52 36.68
C ALA C 175 -44.24 9.97 37.76
N GLU C 176 -45.33 10.62 37.36
CA GLU C 176 -46.33 11.05 38.33
C GLU C 176 -46.96 9.86 39.05
N GLU C 177 -47.24 8.78 38.31
CA GLU C 177 -47.87 7.61 38.89
C GLU C 177 -46.89 6.71 39.62
N GLY C 178 -45.58 6.99 39.54
CA GLY C 178 -44.60 6.16 40.22
C GLY C 178 -44.18 4.93 39.45
N VAL C 179 -44.43 4.88 38.14
CA VAL C 179 -44.03 3.72 37.36
C VAL C 179 -42.51 3.59 37.41
N THR C 180 -42.03 2.37 37.66
CA THR C 180 -40.59 2.15 37.80
C THR C 180 -39.86 2.47 36.51
N ASP C 181 -40.38 2.02 35.37
CA ASP C 181 -39.73 2.21 34.09
C ASP C 181 -40.75 2.57 33.03
N VAL C 182 -40.30 3.30 32.01
CA VAL C 182 -41.14 3.70 30.88
C VAL C 182 -40.38 3.31 29.62
N ARG C 183 -40.65 2.10 29.11
CA ARG C 183 -39.92 1.57 27.96
C ARG C 183 -40.72 1.87 26.69
N MET C 184 -40.58 3.11 26.21
CA MET C 184 -41.17 3.50 24.96
C MET C 184 -40.47 2.78 23.81
N ASP C 185 -41.26 2.35 22.82
CA ASP C 185 -40.70 1.63 21.69
C ASP C 185 -39.63 2.47 21.00
N GLU C 186 -38.51 1.85 20.68
CA GLU C 186 -37.39 2.54 20.06
C GLU C 186 -36.46 1.49 19.45
N ASP C 187 -35.31 1.93 18.96
CA ASP C 187 -34.32 1.04 18.35
C ASP C 187 -33.47 0.41 19.45
N TRP C 188 -34.09 -0.51 20.19
CA TRP C 188 -33.37 -1.24 21.23
C TRP C 188 -32.22 -2.05 20.64
N PHE C 189 -32.45 -2.67 19.47
CA PHE C 189 -31.40 -3.46 18.84
C PHE C 189 -30.21 -2.60 18.47
N ALA C 190 -30.47 -1.41 17.91
CA ALA C 190 -29.37 -0.50 17.58
C ALA C 190 -28.58 -0.13 18.82
N ARG C 191 -29.27 0.34 19.86
CA ARG C 191 -28.64 0.60 21.15
C ARG C 191 -27.42 1.50 21.01
N LEU C 192 -26.59 1.55 22.05
CA LEU C 192 -25.36 2.33 22.04
C LEU C 192 -24.12 1.45 22.00
N ASP C 193 -24.28 0.15 21.73
CA ASP C 193 -23.17 -0.79 21.70
C ASP C 193 -22.77 -1.20 20.29
N ALA C 194 -23.71 -1.74 19.51
CA ALA C 194 -23.37 -2.19 18.16
C ALA C 194 -23.37 -1.04 17.17
N ILE C 195 -24.52 -0.41 16.97
CA ILE C 195 -24.62 0.65 15.96
C ILE C 195 -23.76 1.85 16.35
N ARG C 196 -23.74 2.18 17.65
CA ARG C 196 -23.04 3.40 18.06
C ARG C 196 -21.55 3.33 17.76
N HIS C 197 -20.93 2.18 17.99
CA HIS C 197 -19.48 2.06 17.89
C HIS C 197 -19.03 1.13 16.77
N LEU C 198 -19.49 -0.12 16.74
CA LEU C 198 -18.91 -1.08 15.81
C LEU C 198 -19.21 -0.70 14.35
N ALA C 199 -20.46 -0.32 14.07
CA ALA C 199 -20.80 0.05 12.70
C ALA C 199 -20.01 1.26 12.24
N THR C 200 -19.91 2.28 13.10
CA THR C 200 -19.16 3.47 12.73
C THR C 200 -17.69 3.14 12.51
N ILE C 201 -17.11 2.29 13.36
CA ILE C 201 -15.71 1.93 13.20
C ILE C 201 -15.49 1.18 11.89
N VAL C 202 -16.40 0.26 11.55
CA VAL C 202 -16.25 -0.47 10.30
C VAL C 202 -16.37 0.48 9.11
N VAL C 203 -17.33 1.41 9.17
CA VAL C 203 -17.49 2.35 8.06
C VAL C 203 -16.24 3.21 7.91
N ILE C 204 -15.69 3.71 9.02
CA ILE C 204 -14.51 4.54 8.95
C ILE C 204 -13.33 3.74 8.40
N SER C 205 -13.18 2.50 8.84
CA SER C 205 -12.08 1.68 8.35
C SER C 205 -12.19 1.44 6.85
N LEU C 206 -13.40 1.11 6.37
CA LEU C 206 -13.58 0.88 4.94
C LEU C 206 -13.33 2.14 4.13
N SER C 207 -13.82 3.28 4.61
CA SER C 207 -13.58 4.53 3.90
C SER C 207 -12.09 4.86 3.85
N SER C 208 -11.39 4.65 4.97
CA SER C 208 -9.95 4.91 4.98
C SER C 208 -9.22 3.99 4.02
N LEU C 209 -9.60 2.70 3.98
CA LEU C 209 -8.98 1.79 3.03
C LEU C 209 -9.23 2.25 1.60
N MET C 210 -10.46 2.65 1.28
CA MET C 210 -10.76 3.12 -0.06
C MET C 210 -9.91 4.33 -0.42
N LEU C 211 -9.83 5.31 0.49
CA LEU C 211 -9.08 6.52 0.19
C LEU C 211 -7.60 6.23 0.03
N MET C 212 -7.02 5.42 0.92
CA MET C 212 -5.59 5.16 0.86
C MET C 212 -5.22 4.34 -0.36
N SER C 213 -5.96 3.26 -0.63
CA SER C 213 -5.61 2.41 -1.76
C SER C 213 -5.69 3.18 -3.08
N VAL C 214 -6.74 3.97 -3.28
CA VAL C 214 -6.86 4.75 -4.50
C VAL C 214 -5.84 5.88 -4.51
N PHE C 215 -5.71 6.58 -3.39
CA PHE C 215 -4.78 7.70 -3.32
C PHE C 215 -3.32 7.25 -3.38
N LEU C 216 -3.05 5.97 -3.15
CA LEU C 216 -1.69 5.47 -3.15
C LEU C 216 -1.26 5.00 -4.53
N ILE C 217 -1.99 4.03 -5.10
CA ILE C 217 -1.56 3.42 -6.35
C ILE C 217 -1.53 4.45 -7.48
N VAL C 218 -2.47 5.39 -7.45
CA VAL C 218 -2.45 6.46 -8.44
C VAL C 218 -1.17 7.27 -8.31
N GLY C 219 -0.76 7.57 -7.09
CA GLY C 219 0.48 8.32 -6.90
C GLY C 219 1.69 7.58 -7.41
N ASN C 220 1.80 6.29 -7.07
CA ASN C 220 2.97 5.53 -7.49
C ASN C 220 3.06 5.40 -9.01
N THR C 221 1.92 5.15 -9.67
CA THR C 221 1.94 5.02 -11.12
C THR C 221 2.40 6.30 -11.79
N LEU C 222 1.92 7.45 -11.30
CA LEU C 222 2.32 8.71 -11.90
C LEU C 222 3.78 9.05 -11.58
N ARG C 223 4.24 8.69 -10.38
CA ARG C 223 5.67 8.85 -10.10
C ARG C 223 6.51 8.02 -11.06
N PHE C 224 6.10 6.79 -11.31
CA PHE C 224 6.82 5.94 -12.25
C PHE C 224 6.80 6.52 -13.65
N ASN C 225 5.63 7.03 -14.08
CA ASN C 225 5.54 7.64 -15.40
C ASN C 225 6.45 8.86 -15.52
N VAL C 226 6.48 9.71 -14.49
CA VAL C 226 7.36 10.87 -14.51
C VAL C 226 8.81 10.43 -14.57
N GLN C 227 9.17 9.41 -13.80
CA GLN C 227 10.54 8.92 -13.81
C GLN C 227 10.92 8.41 -15.20
N ALA C 228 10.00 7.70 -15.85
CA ALA C 228 10.28 7.19 -17.19
C ALA C 228 10.52 8.30 -18.20
N ASN C 229 10.09 9.52 -17.91
CA ASN C 229 10.27 10.66 -18.80
C ASN C 229 11.21 11.70 -18.19
N LYS C 230 12.27 11.23 -17.54
CA LYS C 230 13.22 12.15 -16.92
C LYS C 230 13.90 13.03 -17.96
N GLU C 231 14.43 12.42 -19.02
CA GLU C 231 15.16 13.18 -20.04
C GLU C 231 14.25 14.16 -20.75
N GLU C 232 13.04 13.73 -21.11
CA GLU C 232 12.12 14.63 -21.81
C GLU C 232 11.76 15.82 -20.94
N ILE C 233 11.49 15.59 -19.65
CA ILE C 233 11.16 16.69 -18.75
C ILE C 233 12.35 17.62 -18.60
N GLN C 234 13.57 17.07 -18.52
CA GLN C 234 14.75 17.91 -18.41
C GLN C 234 14.89 18.81 -19.62
N THR C 235 14.78 18.24 -20.82
CA THR C 235 14.90 19.05 -22.03
C THR C 235 13.78 20.10 -22.09
N MET C 236 12.56 19.71 -21.72
CA MET C 236 11.44 20.63 -21.78
C MET C 236 11.64 21.80 -20.84
N LYS C 237 12.11 21.54 -19.62
CA LYS C 237 12.38 22.62 -18.68
C LYS C 237 13.52 23.50 -19.18
N LEU C 238 14.56 22.90 -19.75
CA LEU C 238 15.70 23.68 -20.21
C LEU C 238 15.29 24.67 -21.29
N ILE C 239 14.44 24.24 -22.23
CA ILE C 239 14.05 25.11 -23.34
C ILE C 239 13.28 26.32 -22.84
N GLY C 240 12.51 26.16 -21.76
CA GLY C 240 11.75 27.27 -21.20
C GLY C 240 10.27 27.00 -21.14
N ALA C 241 9.88 25.73 -21.02
CA ALA C 241 8.48 25.38 -20.86
C ALA C 241 8.02 25.75 -19.46
N THR C 242 6.79 26.26 -19.36
CA THR C 242 6.23 26.60 -18.06
C THR C 242 5.87 25.34 -17.29
N ASP C 243 5.80 25.47 -15.97
CA ASP C 243 5.54 24.30 -15.12
C ASP C 243 4.16 23.71 -15.40
N ALA C 244 3.16 24.56 -15.61
CA ALA C 244 1.80 24.06 -15.85
C ALA C 244 1.76 23.19 -17.10
N TYR C 245 2.50 23.58 -18.14
CA TYR C 245 2.55 22.76 -19.35
C TYR C 245 3.11 21.38 -19.05
N ILE C 246 4.16 21.32 -18.23
CA ILE C 246 4.72 20.03 -17.86
C ILE C 246 3.70 19.21 -17.09
N LEU C 247 2.95 19.85 -16.20
CA LEU C 247 2.11 19.13 -15.25
C LEU C 247 0.83 18.60 -15.89
N ARG C 248 0.20 19.37 -16.77
CA ARG C 248 -1.16 19.04 -17.21
C ARG C 248 -1.33 17.63 -17.73
N PRO C 249 -0.45 17.08 -18.57
CA PRO C 249 -0.68 15.72 -19.08
C PRO C 249 -0.87 14.69 -17.99
N TYR C 250 -0.12 14.80 -16.89
CA TYR C 250 -0.29 13.84 -15.81
C TYR C 250 -1.60 14.05 -15.06
N LEU C 251 -2.05 15.30 -14.93
CA LEU C 251 -3.38 15.54 -14.37
C LEU C 251 -4.43 14.82 -15.19
N TYR C 252 -4.37 14.94 -16.51
CA TYR C 252 -5.38 14.29 -17.33
C TYR C 252 -5.23 12.77 -17.31
N SER C 253 -4.01 12.26 -17.22
CA SER C 253 -3.84 10.82 -17.07
C SER C 253 -4.50 10.33 -15.78
N GLY C 254 -4.31 11.06 -14.68
CA GLY C 254 -4.95 10.68 -13.43
C GLY C 254 -6.45 10.77 -13.50
N MET C 255 -6.97 11.79 -14.16
CA MET C 255 -8.42 11.90 -14.32
C MET C 255 -8.98 10.71 -15.10
N TRP C 256 -8.29 10.32 -16.17
CA TRP C 256 -8.74 9.15 -16.93
C TRP C 256 -8.66 7.89 -16.07
N PHE C 257 -7.60 7.74 -15.28
CA PHE C 257 -7.51 6.60 -14.37
C PHE C 257 -8.71 6.55 -13.46
N GLY C 258 -9.05 7.69 -12.85
CA GLY C 258 -10.17 7.71 -11.92
C GLY C 258 -11.48 7.35 -12.59
N LEU C 259 -11.73 7.93 -13.77
CA LEU C 259 -12.99 7.68 -14.46
C LEU C 259 -13.13 6.22 -14.85
N LEU C 260 -12.08 5.66 -15.46
CA LEU C 260 -12.14 4.25 -15.85
C LEU C 260 -12.27 3.35 -14.65
N GLY C 261 -11.59 3.67 -13.55
CA GLY C 261 -11.73 2.88 -12.35
C GLY C 261 -13.14 2.92 -11.81
N ALA C 262 -13.77 4.08 -11.82
CA ALA C 262 -15.15 4.17 -11.35
C ALA C 262 -16.09 3.34 -12.22
N VAL C 263 -15.91 3.39 -13.54
CA VAL C 263 -16.75 2.59 -14.43
C VAL C 263 -16.55 1.11 -14.16
N ALA C 264 -15.29 0.68 -14.01
CA ALA C 264 -15.02 -0.72 -13.73
C ALA C 264 -15.63 -1.14 -12.39
N ALA C 265 -15.56 -0.27 -11.39
CA ALA C 265 -16.16 -0.58 -10.09
C ALA C 265 -17.67 -0.74 -10.21
N TRP C 266 -18.32 0.12 -10.99
CA TRP C 266 -19.76 -0.03 -11.18
C TRP C 266 -20.09 -1.37 -11.83
N LEU C 267 -19.32 -1.74 -12.86
CA LEU C 267 -19.55 -3.03 -13.50
C LEU C 267 -19.35 -4.18 -12.51
N LEU C 268 -18.32 -4.07 -11.67
CA LEU C 268 -18.03 -5.13 -10.71
C LEU C 268 -19.16 -5.27 -9.70
N THR C 269 -19.67 -4.14 -9.19
CA THR C 269 -20.79 -4.21 -8.26
C THR C 269 -22.02 -4.82 -8.91
N ALA C 270 -22.29 -4.46 -10.17
CA ALA C 270 -23.41 -5.06 -10.87
C ALA C 270 -23.25 -6.57 -10.98
N LEU C 271 -22.03 -7.02 -11.31
CA LEU C 271 -21.79 -8.46 -11.41
C LEU C 271 -21.97 -9.13 -10.06
N MET C 272 -21.52 -8.48 -8.98
CA MET C 272 -21.68 -9.05 -7.65
C MET C 272 -23.16 -9.18 -7.29
N THR C 273 -23.96 -8.17 -7.61
CA THR C 273 -25.39 -8.25 -7.37
C THR C 273 -26.01 -9.40 -8.16
N ILE C 274 -25.61 -9.55 -9.42
CA ILE C 274 -26.11 -10.67 -10.22
C ILE C 274 -25.73 -11.99 -9.56
N LEU C 275 -24.52 -12.06 -9.00
CA LEU C 275 -24.08 -13.29 -8.34
C LEU C 275 -24.93 -13.60 -7.11
N LEU C 276 -25.23 -12.58 -6.31
CA LEU C 276 -25.95 -12.79 -5.05
C LEU C 276 -27.46 -12.85 -5.22
N ASN C 277 -27.99 -12.57 -6.42
CA ASN C 277 -29.45 -12.56 -6.58
C ASN C 277 -30.06 -13.89 -6.17
N GLY C 278 -29.49 -15.00 -6.63
CA GLY C 278 -30.07 -16.30 -6.33
C GLY C 278 -30.03 -16.62 -4.85
N ALA C 279 -28.88 -16.38 -4.21
CA ALA C 279 -28.75 -16.67 -2.78
C ALA C 279 -29.73 -15.84 -1.97
N VAL C 280 -29.89 -14.55 -2.32
CA VAL C 280 -30.83 -13.72 -1.57
C VAL C 280 -32.26 -14.18 -1.83
N GLU C 281 -32.56 -14.60 -3.07
CA GLU C 281 -33.90 -15.08 -3.38
C GLU C 281 -34.24 -16.32 -2.56
N ALA C 282 -33.28 -17.24 -2.41
CA ALA C 282 -33.55 -18.43 -1.61
C ALA C 282 -33.90 -18.06 -0.16
N LEU C 283 -33.15 -17.12 0.42
CA LEU C 283 -33.40 -16.73 1.80
C LEU C 283 -34.71 -15.96 1.93
N ALA C 284 -34.94 -15.00 1.03
CA ALA C 284 -36.15 -14.18 1.13
C ALA C 284 -37.41 -15.03 0.95
N GLN C 285 -37.36 -16.06 0.12
CA GLN C 285 -38.53 -16.90 -0.10
C GLN C 285 -38.96 -17.57 1.20
N LEU C 286 -38.00 -18.08 1.98
CA LEU C 286 -38.35 -18.82 3.19
C LEU C 286 -39.11 -17.93 4.16
N TYR C 287 -38.67 -16.69 4.35
CA TYR C 287 -39.36 -15.76 5.22
C TYR C 287 -40.61 -15.22 4.54
N ASP C 288 -41.48 -14.59 5.34
CA ASP C 288 -42.74 -14.07 4.80
C ASP C 288 -42.49 -12.98 3.77
N SER C 289 -41.56 -12.07 4.05
CA SER C 289 -41.34 -10.90 3.20
C SER C 289 -40.59 -11.34 1.94
N ARG C 290 -41.29 -11.33 0.81
CA ARG C 290 -40.63 -11.57 -0.46
C ARG C 290 -39.81 -10.36 -0.87
N PHE C 291 -38.56 -10.59 -1.24
CA PHE C 291 -37.61 -9.51 -1.47
C PHE C 291 -36.77 -9.80 -2.71
N ARG C 292 -36.23 -8.73 -3.29
CA ARG C 292 -35.36 -8.81 -4.46
C ARG C 292 -34.24 -7.80 -4.30
N LEU C 293 -33.03 -8.19 -4.68
CA LEU C 293 -31.90 -7.28 -4.60
C LEU C 293 -32.12 -6.10 -5.54
N ILE C 294 -31.70 -4.92 -5.11
CA ILE C 294 -31.82 -3.69 -5.87
C ILE C 294 -30.42 -3.12 -6.07
N GLY C 295 -30.07 -2.85 -7.34
CA GLY C 295 -28.77 -2.30 -7.66
C GLY C 295 -28.69 -0.83 -7.31
N LEU C 296 -27.50 -0.27 -7.53
CA LEU C 296 -27.27 1.13 -7.23
C LEU C 296 -28.19 2.01 -8.07
N GLY C 297 -28.74 3.05 -7.44
CA GLY C 297 -29.60 3.96 -8.16
C GLY C 297 -28.85 4.76 -9.20
N TRP C 298 -29.56 5.18 -10.25
CA TRP C 298 -28.92 5.93 -11.33
C TRP C 298 -28.35 7.25 -10.83
N ASP C 299 -28.88 7.80 -9.74
CA ASP C 299 -28.27 8.99 -9.16
C ASP C 299 -26.98 8.64 -8.42
N GLU C 300 -26.92 7.45 -7.82
CA GLU C 300 -25.71 7.05 -7.11
C GLU C 300 -24.53 6.86 -8.05
N SER C 301 -24.78 6.42 -9.28
CA SER C 301 -23.69 6.21 -10.23
C SER C 301 -22.96 7.52 -10.52
N LEU C 302 -23.70 8.62 -10.64
CA LEU C 302 -23.07 9.91 -10.87
C LEU C 302 -22.17 10.29 -9.70
N LEU C 303 -22.62 10.03 -8.48
CA LEU C 303 -21.79 10.32 -7.31
C LEU C 303 -20.54 9.44 -7.31
N LEU C 304 -20.68 8.17 -7.70
CA LEU C 304 -19.53 7.29 -7.77
C LEU C 304 -18.51 7.80 -8.77
N LEU C 305 -18.97 8.18 -9.96
CA LEU C 305 -18.05 8.70 -10.98
C LEU C 305 -17.39 9.99 -10.51
N MET C 306 -18.17 10.87 -9.87
CA MET C 306 -17.59 12.12 -9.37
C MET C 306 -16.52 11.84 -8.35
N LEU C 307 -16.77 10.91 -7.42
CA LEU C 307 -15.76 10.56 -6.43
C LEU C 307 -14.52 10.00 -7.10
N GLY C 308 -14.69 9.12 -8.08
CA GLY C 308 -13.53 8.55 -8.75
C GLY C 308 -12.68 9.60 -9.42
N VAL C 309 -13.31 10.49 -10.19
CA VAL C 309 -12.55 11.51 -10.90
C VAL C 309 -11.90 12.48 -9.92
N PHE C 310 -12.61 12.84 -8.84
CA PHE C 310 -12.04 13.75 -7.86
C PHE C 310 -10.80 13.16 -7.21
N LEU C 311 -10.90 11.90 -6.76
CA LEU C 311 -9.74 11.26 -6.15
C LEU C 311 -8.60 11.16 -7.15
N GLY C 312 -8.89 10.76 -8.38
CA GLY C 312 -7.83 10.67 -9.38
C GLY C 312 -7.13 11.98 -9.59
N CYS C 313 -7.89 13.06 -9.79
CA CYS C 313 -7.29 14.35 -10.06
C CYS C 313 -6.48 14.85 -8.87
N VAL C 314 -7.02 14.73 -7.66
CA VAL C 314 -6.31 15.24 -6.49
C VAL C 314 -5.01 14.46 -6.28
N ALA C 315 -5.09 13.13 -6.32
CA ALA C 315 -3.89 12.32 -6.14
C ALA C 315 -2.86 12.62 -7.20
N ALA C 316 -3.30 12.71 -8.46
CA ALA C 316 -2.36 12.99 -9.54
C ALA C 316 -1.68 14.33 -9.33
N LYS C 317 -2.46 15.37 -9.05
CA LYS C 317 -1.86 16.68 -8.86
C LYS C 317 -0.82 16.64 -7.74
N VAL C 318 -1.21 16.13 -6.57
CA VAL C 318 -0.30 16.18 -5.42
C VAL C 318 0.96 15.38 -5.70
N SER C 319 0.81 14.12 -6.10
CA SER C 319 1.98 13.26 -6.27
C SER C 319 2.86 13.76 -7.41
N ALA C 320 2.27 14.11 -8.55
CA ALA C 320 3.05 14.56 -9.69
C ALA C 320 3.81 15.83 -9.35
N LYS C 321 3.17 16.81 -8.71
CA LYS C 321 3.88 18.03 -8.37
C LYS C 321 5.02 17.74 -7.39
N ARG C 322 4.75 16.92 -6.37
CA ARG C 322 5.78 16.65 -5.38
C ARG C 322 6.98 15.96 -6.00
N HIS C 323 6.73 15.00 -6.89
CA HIS C 323 7.84 14.29 -7.54
C HIS C 323 8.53 15.13 -8.60
N LEU C 324 7.80 16.06 -9.22
CA LEU C 324 8.37 16.91 -10.26
C LEU C 324 9.14 18.08 -9.69
N LYS C 325 8.97 18.38 -8.40
CA LYS C 325 9.81 19.40 -7.78
C LYS C 325 11.28 19.01 -7.83
N GLU C 326 11.59 17.75 -7.55
CA GLU C 326 12.97 17.29 -7.44
C GLU C 326 13.50 16.68 -8.73
N ILE C 327 13.38 17.41 -9.84
CA ILE C 327 14.03 17.01 -11.09
C ILE C 327 14.59 18.23 -11.78
N GLU C 328 15.90 18.44 -11.66
CA GLU C 328 16.53 19.60 -12.24
C GLU C 328 16.79 19.39 -13.74
N PRO C 329 16.86 20.47 -14.52
CA PRO C 329 17.13 20.30 -15.95
C PRO C 329 18.46 19.63 -16.23
N VAL C 330 19.48 19.88 -15.41
CA VAL C 330 20.79 19.26 -15.60
C VAL C 330 21.35 18.79 -14.26
N ALA D 27 41.14 -14.11 -2.19
CA ALA D 27 39.73 -14.06 -2.58
C ALA D 27 38.90 -15.04 -1.77
N LYS D 28 38.26 -14.56 -0.71
CA LYS D 28 37.42 -15.36 0.16
C LYS D 28 35.98 -14.93 0.02
N THR D 29 35.07 -15.89 0.02
CA THR D 29 33.64 -15.66 -0.13
C THR D 29 32.91 -15.95 1.17
N ASP D 30 31.92 -15.13 1.49
CA ASP D 30 31.14 -15.33 2.69
C ASP D 30 30.30 -16.60 2.58
N SER D 31 29.89 -17.11 3.74
CA SER D 31 29.09 -18.32 3.77
C SER D 31 27.73 -18.08 3.13
N PHE D 32 27.15 -19.15 2.58
CA PHE D 32 25.89 -19.05 1.86
C PHE D 32 24.83 -18.35 2.71
N LEU D 33 24.73 -18.73 3.99
CA LEU D 33 23.73 -18.13 4.86
C LEU D 33 24.09 -16.68 5.21
N ALA D 34 25.38 -16.37 5.31
CA ALA D 34 25.78 -15.03 5.71
C ALA D 34 25.34 -13.99 4.69
N ILE D 35 25.51 -14.29 3.40
CA ILE D 35 25.12 -13.33 2.36
C ILE D 35 23.61 -13.12 2.39
N HIS D 36 22.84 -14.18 2.56
CA HIS D 36 21.39 -14.04 2.62
C HIS D 36 20.98 -13.19 3.82
N PHE D 37 21.60 -13.44 4.98
CA PHE D 37 21.24 -12.65 6.16
C PHE D 37 21.60 -11.19 5.97
N LYS D 38 22.77 -10.91 5.40
CA LYS D 38 23.17 -9.53 5.15
C LYS D 38 22.21 -8.86 4.19
N GLN D 39 21.80 -9.57 3.14
CA GLN D 39 20.84 -9.01 2.19
C GLN D 39 19.51 -8.72 2.87
N ALA D 40 19.05 -9.62 3.74
CA ALA D 40 17.80 -9.40 4.45
C ALA D 40 17.90 -8.16 5.34
N LYS D 41 19.01 -8.02 6.07
CA LYS D 41 19.17 -6.85 6.93
C LYS D 41 19.21 -5.56 6.09
N ALA D 42 19.94 -5.59 4.97
CA ALA D 42 20.01 -4.41 4.12
C ALA D 42 18.64 -4.06 3.55
N SER D 43 17.88 -5.06 3.12
CA SER D 43 16.55 -4.82 2.58
C SER D 43 15.65 -4.21 3.64
N PHE D 44 15.70 -4.74 4.87
CA PHE D 44 14.89 -4.15 5.93
C PHE D 44 15.30 -2.71 6.19
N ALA D 45 16.60 -2.42 6.20
CA ALA D 45 17.06 -1.06 6.39
C ALA D 45 16.67 -0.15 5.24
N ALA D 46 16.44 -0.71 4.05
CA ALA D 46 16.14 0.11 2.88
C ALA D 46 14.79 0.81 3.00
N LEU D 47 13.85 0.24 3.75
CA LEU D 47 12.52 0.82 3.83
C LEU D 47 12.53 2.24 4.37
N TRP D 48 13.57 2.62 5.11
CA TRP D 48 13.63 3.96 5.68
C TRP D 48 13.98 5.02 4.65
N ARG D 49 14.37 4.64 3.44
CA ARG D 49 14.72 5.63 2.42
C ARG D 49 13.53 6.54 2.11
N ARG D 50 12.38 5.94 1.82
CA ARG D 50 11.17 6.68 1.46
C ARG D 50 10.08 6.36 2.46
N PRO D 51 9.88 7.18 3.49
CA PRO D 51 8.94 6.80 4.56
C PRO D 51 7.48 6.79 4.13
N LEU D 52 7.03 7.84 3.44
CA LEU D 52 5.60 8.00 3.19
C LEU D 52 5.06 6.86 2.34
N GLY D 53 5.68 6.59 1.20
CA GLY D 53 5.18 5.56 0.31
C GLY D 53 5.19 4.18 0.95
N ASN D 54 6.31 3.84 1.59
CA ASN D 54 6.42 2.53 2.23
C ASN D 54 5.40 2.38 3.35
N ILE D 55 5.23 3.42 4.16
CA ILE D 55 4.28 3.36 5.26
C ILE D 55 2.86 3.18 4.72
N LEU D 56 2.49 3.95 3.68
CA LEU D 56 1.15 3.85 3.15
C LEU D 56 0.90 2.46 2.56
N THR D 57 1.85 1.94 1.78
CA THR D 57 1.63 0.62 1.19
C THR D 57 1.55 -0.45 2.28
N LEU D 58 2.38 -0.33 3.33
CA LEU D 58 2.31 -1.30 4.41
C LEU D 58 0.97 -1.24 5.12
N ALA D 59 0.46 -0.02 5.37
CA ALA D 59 -0.84 0.10 6.02
C ALA D 59 -1.95 -0.50 5.16
N VAL D 60 -1.92 -0.23 3.85
CA VAL D 60 -2.95 -0.77 2.97
C VAL D 60 -2.86 -2.30 2.95
N ILE D 61 -1.65 -2.84 2.89
CA ILE D 61 -1.50 -4.30 2.91
C ILE D 61 -2.06 -4.87 4.21
N SER D 62 -1.76 -4.23 5.34
CA SER D 62 -2.26 -4.72 6.61
C SER D 62 -3.77 -4.71 6.65
N MET D 63 -4.40 -3.63 6.19
CA MET D 63 -5.86 -3.56 6.20
C MET D 63 -6.47 -4.60 5.27
N ALA D 64 -5.90 -4.78 4.08
CA ALA D 64 -6.44 -5.72 3.12
C ALA D 64 -6.24 -7.16 3.55
N LEU D 65 -5.24 -7.45 4.38
CA LEU D 65 -5.10 -8.77 4.96
C LEU D 65 -5.94 -8.96 6.22
N ALA D 66 -6.26 -7.86 6.91
CA ALA D 66 -7.09 -7.98 8.11
C ALA D 66 -8.55 -8.22 7.75
N LEU D 67 -9.06 -7.56 6.72
CA LEU D 67 -10.47 -7.70 6.40
C LEU D 67 -10.85 -9.15 6.09
N PRO D 68 -10.15 -9.87 5.21
CA PRO D 68 -10.50 -11.28 5.00
C PRO D 68 -10.42 -12.11 6.26
N ALA D 69 -9.51 -11.79 7.18
CA ALA D 69 -9.43 -12.53 8.42
C ALA D 69 -10.72 -12.38 9.22
N SER D 70 -11.23 -11.16 9.33
CA SER D 70 -12.47 -10.93 10.07
C SER D 70 -13.64 -11.62 9.38
N LEU D 71 -13.69 -11.55 8.05
CA LEU D 71 -14.76 -12.23 7.33
C LEU D 71 -14.72 -13.73 7.58
N TYR D 72 -13.53 -14.33 7.54
CA TYR D 72 -13.42 -15.76 7.81
C TYR D 72 -13.79 -16.07 9.25
N LEU D 73 -13.46 -15.18 10.18
CA LEU D 73 -13.82 -15.38 11.58
C LEU D 73 -15.34 -15.44 11.74
N LEU D 74 -16.05 -14.50 11.10
CA LEU D 74 -17.51 -14.53 11.15
C LEU D 74 -18.05 -15.80 10.51
N SER D 75 -17.47 -16.21 9.38
CA SER D 75 -17.93 -17.43 8.73
C SER D 75 -17.75 -18.63 9.64
N LYS D 76 -16.60 -18.72 10.32
CA LYS D 76 -16.37 -19.84 11.21
C LYS D 76 -17.34 -19.84 12.38
N ASN D 77 -17.62 -18.67 12.96
CA ASN D 77 -18.59 -18.60 14.05
C ASN D 77 -19.96 -19.06 13.59
N ILE D 78 -20.40 -18.59 12.41
CA ILE D 78 -21.72 -18.98 11.91
C ILE D 78 -21.75 -20.48 11.65
N ALA D 79 -20.67 -21.03 11.09
CA ALA D 79 -20.63 -22.48 10.84
C ALA D 79 -20.71 -23.27 12.13
N SER D 80 -20.00 -22.81 13.17
CA SER D 80 -20.04 -23.50 14.46
C SER D 80 -21.46 -23.47 15.03
N VAL D 81 -22.11 -22.32 14.97
CA VAL D 81 -23.47 -22.22 15.49
C VAL D 81 -24.40 -23.14 14.71
N ALA D 82 -24.26 -23.16 13.38
CA ALA D 82 -25.11 -24.02 12.57
C ALA D 82 -24.90 -25.48 12.90
N GLU D 83 -23.65 -25.89 13.10
CA GLU D 83 -23.38 -27.27 13.49
C GLU D 83 -24.02 -27.58 14.84
N ARG D 84 -23.94 -26.63 15.78
CA ARG D 84 -24.56 -26.84 17.09
C ARG D 84 -26.07 -27.01 16.98
N VAL D 85 -26.70 -26.22 16.10
CA VAL D 85 -28.15 -26.25 15.93
C VAL D 85 -28.56 -27.48 15.12
N ALA D 86 -27.59 -28.29 14.72
CA ALA D 86 -27.88 -29.45 13.88
C ALA D 86 -28.69 -30.52 14.61
N GLU D 87 -28.85 -30.42 15.93
CA GLU D 87 -29.58 -31.44 16.67
C GLU D 87 -30.99 -31.58 16.11
N PRO D 88 -31.53 -32.80 16.03
CA PRO D 88 -32.84 -33.01 15.40
C PRO D 88 -34.02 -32.68 16.32
N SER D 89 -34.12 -31.40 16.68
CA SER D 89 -35.26 -30.90 17.46
C SER D 89 -35.51 -31.77 18.68
N GLN D 90 -34.45 -32.01 19.46
CA GLN D 90 -34.57 -32.85 20.64
C GLN D 90 -35.55 -32.23 21.63
N LEU D 91 -36.33 -33.09 22.29
CA LEU D 91 -37.37 -32.66 23.21
C LEU D 91 -36.95 -32.97 24.63
N SER D 92 -37.11 -31.99 25.53
CA SER D 92 -36.70 -32.10 26.92
C SER D 92 -37.91 -32.30 27.81
N VAL D 93 -37.77 -33.14 28.83
CA VAL D 93 -38.83 -33.45 29.78
C VAL D 93 -38.27 -33.25 31.19
N TYR D 94 -39.02 -32.55 32.03
CA TYR D 94 -38.62 -32.27 33.40
C TYR D 94 -39.50 -33.03 34.37
N LEU D 95 -38.90 -33.85 35.22
CA LEU D 95 -39.62 -34.56 36.26
C LEU D 95 -39.73 -33.71 37.52
N HIS D 96 -40.62 -34.11 38.41
CA HIS D 96 -40.81 -33.39 39.66
C HIS D 96 -39.57 -33.53 40.54
N ILE D 97 -39.27 -32.45 41.28
CA ILE D 97 -38.07 -32.44 42.11
C ILE D 97 -38.13 -33.54 43.16
N ASP D 98 -39.30 -33.76 43.75
CA ASP D 98 -39.46 -34.73 44.82
C ASP D 98 -39.70 -36.15 44.31
N THR D 99 -39.74 -36.36 43.01
CA THR D 99 -40.00 -37.69 42.48
C THR D 99 -38.88 -38.65 42.90
N PRO D 100 -39.21 -39.85 43.37
CA PRO D 100 -38.16 -40.78 43.80
C PRO D 100 -37.28 -41.22 42.64
N GLU D 101 -36.02 -41.50 42.96
CA GLU D 101 -35.08 -41.94 41.92
C GLU D 101 -35.53 -43.24 41.27
N PRO D 102 -35.96 -44.27 42.02
CA PRO D 102 -36.48 -45.47 41.35
C PRO D 102 -37.66 -45.17 40.46
N ARG D 103 -38.54 -44.24 40.86
CA ARG D 103 -39.64 -43.84 40.01
C ARG D 103 -39.13 -43.22 38.71
N ILE D 104 -38.11 -42.38 38.80
CA ILE D 104 -37.54 -41.77 37.61
C ILE D 104 -36.96 -42.84 36.69
N ILE D 105 -36.25 -43.82 37.27
CA ILE D 105 -35.68 -44.89 36.46
C ILE D 105 -36.78 -45.69 35.77
N VAL D 106 -37.85 -46.01 36.50
CA VAL D 106 -38.95 -46.75 35.91
C VAL D 106 -39.60 -45.96 34.78
N LEU D 107 -39.80 -44.66 35.00
CA LEU D 107 -40.39 -43.82 33.95
C LEU D 107 -39.50 -43.77 32.72
N LYS D 108 -38.18 -43.66 32.93
CA LYS D 108 -37.26 -43.63 31.79
C LYS D 108 -37.31 -44.96 31.03
N ASP D 109 -37.35 -46.08 31.75
CA ASP D 109 -37.45 -47.37 31.09
C ASP D 109 -38.75 -47.48 30.30
N ASP D 110 -39.86 -47.03 30.88
CA ASP D 110 -41.13 -47.08 30.16
C ASP D 110 -41.10 -46.22 28.91
N LEU D 111 -40.53 -45.01 29.02
CA LEU D 111 -40.45 -44.13 27.85
C LEU D 111 -39.59 -44.76 26.76
N GLU D 112 -38.48 -45.39 27.14
CA GLU D 112 -37.66 -46.07 26.16
C GLU D 112 -38.44 -47.21 25.50
N ARG D 113 -39.21 -47.95 26.29
CA ARG D 113 -40.02 -49.03 25.74
C ARG D 113 -41.07 -48.49 24.77
N ARG D 114 -41.67 -47.35 25.09
CA ARG D 114 -42.70 -46.78 24.24
C ARG D 114 -42.16 -46.52 22.85
N ASP D 115 -42.99 -46.82 21.84
CA ASP D 115 -42.61 -46.58 20.47
C ASP D 115 -42.69 -45.10 20.14
N GLU D 116 -42.08 -44.72 19.02
CA GLU D 116 -42.01 -43.35 18.51
C GLU D 116 -40.99 -42.52 19.27
N ILE D 117 -40.20 -43.13 20.17
CA ILE D 117 -39.14 -42.44 20.89
C ILE D 117 -37.82 -43.05 20.46
N ALA D 118 -36.98 -42.25 19.81
CA ALA D 118 -35.71 -42.76 19.29
C ALA D 118 -34.78 -43.16 20.43
N LYS D 119 -34.58 -42.29 21.40
CA LYS D 119 -33.67 -42.56 22.50
C LYS D 119 -34.04 -41.67 23.68
N VAL D 120 -33.54 -42.06 24.85
CA VAL D 120 -33.79 -41.34 26.10
C VAL D 120 -32.46 -41.11 26.79
N LYS D 121 -32.23 -39.86 27.21
CA LYS D 121 -31.04 -39.49 27.96
C LYS D 121 -31.48 -38.89 29.29
N TYR D 122 -30.90 -39.38 30.38
CA TYR D 122 -31.25 -38.94 31.73
C TYR D 122 -30.10 -38.12 32.30
N ILE D 123 -30.41 -36.89 32.71
CA ILE D 123 -29.44 -36.01 33.37
C ILE D 123 -29.76 -36.01 34.85
N SER D 124 -28.78 -36.43 35.66
CA SER D 124 -28.96 -36.47 37.10
C SER D 124 -29.03 -35.05 37.65
N PRO D 125 -29.65 -34.88 38.82
CA PRO D 125 -29.75 -33.52 39.40
C PRO D 125 -28.40 -32.87 39.61
N GLN D 126 -27.39 -33.63 40.03
CA GLN D 126 -26.07 -33.04 40.24
C GLN D 126 -25.35 -32.76 38.93
N GLN D 127 -25.59 -33.57 37.89
CA GLN D 127 -25.04 -33.24 36.58
C GLN D 127 -25.62 -31.93 36.07
N GLY D 128 -26.93 -31.75 36.24
CA GLY D 128 -27.54 -30.47 35.89
C GLY D 128 -27.01 -29.34 36.76
N LEU D 129 -26.74 -29.62 38.03
CA LEU D 129 -26.16 -28.60 38.89
C LEU D 129 -24.78 -28.17 38.38
N ASP D 130 -23.98 -29.14 37.94
CA ASP D 130 -22.67 -28.81 37.36
C ASP D 130 -22.83 -27.99 36.09
N ASP D 131 -23.78 -28.38 35.22
CA ASP D 131 -24.01 -27.63 34.00
C ASP D 131 -24.40 -26.19 34.31
N LEU D 132 -25.27 -26.00 35.31
CA LEU D 132 -25.65 -24.64 35.69
C LEU D 132 -24.48 -23.88 36.28
N SER D 133 -23.67 -24.53 37.12
CA SER D 133 -22.52 -23.88 37.72
C SER D 133 -21.49 -23.48 36.69
N GLN D 134 -21.48 -24.14 35.52
CA GLN D 134 -20.60 -23.70 34.45
C GLN D 134 -20.77 -22.21 34.17
N TYR D 135 -22.01 -21.73 34.21
CA TYR D 135 -22.28 -20.32 33.98
C TYR D 135 -21.69 -19.46 35.10
N ALA D 136 -21.38 -18.22 34.77
CA ALA D 136 -20.81 -17.31 35.75
C ALA D 136 -21.88 -16.82 36.73
N GLY D 137 -21.44 -16.47 37.93
CA GLY D 137 -22.31 -15.91 38.94
C GLY D 137 -23.11 -16.91 39.73
N PHE D 138 -22.97 -18.20 39.46
CA PHE D 138 -23.72 -19.23 40.16
C PHE D 138 -22.89 -20.05 41.13
N GLU D 139 -21.57 -19.89 41.13
CA GLU D 139 -20.74 -20.64 42.06
C GLU D 139 -21.07 -20.30 43.50
N GLN D 140 -21.30 -19.02 43.79
CA GLN D 140 -21.56 -18.60 45.16
C GLN D 140 -22.90 -19.12 45.66
N ALA D 141 -23.95 -18.97 44.85
CA ALA D 141 -25.28 -19.34 45.29
C ALA D 141 -25.37 -20.83 45.61
N ILE D 142 -24.79 -21.67 44.76
CA ILE D 142 -24.86 -23.11 44.98
C ILE D 142 -24.20 -23.47 46.30
N SER D 143 -23.03 -22.91 46.57
CA SER D 143 -22.35 -23.17 47.83
C SER D 143 -23.18 -22.67 49.01
N LEU D 144 -23.76 -21.48 48.89
CA LEU D 144 -24.55 -20.93 49.99
C LEU D 144 -25.74 -21.81 50.31
N LEU D 145 -26.44 -22.30 49.28
CA LEU D 145 -27.55 -23.21 49.52
C LEU D 145 -27.07 -24.48 50.19
N ASP D 146 -27.81 -24.92 51.21
CA ASP D 146 -27.43 -26.13 51.94
C ASP D 146 -27.46 -27.35 51.02
N ASN D 147 -28.55 -27.53 50.27
CA ASN D 147 -28.70 -28.67 49.37
C ASN D 147 -29.44 -28.20 48.12
N ALA D 148 -28.68 -27.80 47.10
CA ALA D 148 -29.28 -27.45 45.82
C ALA D 148 -29.89 -28.70 45.19
N THR D 149 -31.13 -28.57 44.71
CA THR D 149 -31.89 -29.71 44.20
C THR D 149 -32.61 -29.29 42.92
N LEU D 150 -31.93 -29.49 41.79
CA LEU D 150 -32.56 -29.24 40.50
C LEU D 150 -33.47 -30.42 40.12
N PRO D 151 -34.55 -30.15 39.41
CA PRO D 151 -35.40 -31.26 38.93
C PRO D 151 -34.65 -32.13 37.93
N ALA D 152 -34.98 -33.42 37.96
CA ALA D 152 -34.36 -34.36 37.04
C ALA D 152 -34.83 -34.06 35.62
N VAL D 153 -33.89 -33.69 34.75
CA VAL D 153 -34.19 -33.32 33.37
C VAL D 153 -33.91 -34.52 32.48
N LEU D 154 -34.91 -34.91 31.68
CA LEU D 154 -34.80 -36.03 30.78
C LEU D 154 -35.04 -35.55 29.35
N VAL D 155 -34.22 -36.03 28.42
CA VAL D 155 -34.27 -35.62 27.02
C VAL D 155 -34.75 -36.79 26.19
N VAL D 156 -35.78 -36.56 25.39
CA VAL D 156 -36.36 -37.57 24.50
C VAL D 156 -36.28 -37.04 23.08
N THR D 157 -35.71 -37.83 22.18
CA THR D 157 -35.55 -37.44 20.78
C THR D 157 -36.67 -38.07 19.96
N PRO D 158 -37.59 -37.29 19.41
CA PRO D 158 -38.67 -37.89 18.62
C PRO D 158 -38.12 -38.65 17.41
N LYS D 159 -38.77 -39.77 17.10
CA LYS D 159 -38.36 -40.55 15.94
C LYS D 159 -38.67 -39.81 14.62
N VAL D 160 -39.77 -39.08 14.58
CA VAL D 160 -40.19 -38.33 13.41
C VAL D 160 -40.00 -36.85 13.68
N ASP D 161 -39.36 -36.15 12.75
CA ASP D 161 -39.05 -34.73 12.91
C ASP D 161 -40.25 -33.83 12.62
N SER D 162 -41.37 -34.39 12.16
CA SER D 162 -42.52 -33.57 11.83
C SER D 162 -42.97 -32.75 13.03
N ARG D 163 -43.29 -31.48 12.79
CA ARG D 163 -43.71 -30.61 13.90
C ARG D 163 -45.01 -31.09 14.52
N GLU D 164 -45.95 -31.58 13.70
CA GLU D 164 -47.19 -32.11 14.24
C GLU D 164 -46.92 -33.30 15.16
N GLN D 165 -46.02 -34.19 14.74
CA GLN D 165 -45.66 -35.32 15.59
C GLN D 165 -45.00 -34.84 16.87
N ILE D 166 -44.17 -33.81 16.77
CA ILE D 166 -43.51 -33.27 17.97
C ILE D 166 -44.54 -32.74 18.95
N GLN D 167 -45.52 -31.99 18.44
CA GLN D 167 -46.56 -31.45 19.30
C GLN D 167 -47.39 -32.56 19.95
N THR D 168 -47.75 -33.58 19.16
CA THR D 168 -48.52 -34.69 19.71
C THR D 168 -47.74 -35.42 20.79
N LEU D 169 -46.45 -35.67 20.56
CA LEU D 169 -45.64 -36.36 21.56
C LEU D 169 -45.48 -35.50 22.81
N ALA D 170 -45.33 -34.18 22.65
CA ALA D 170 -45.23 -33.31 23.80
C ALA D 170 -46.50 -33.34 24.63
N LYS D 171 -47.66 -33.31 23.96
CA LYS D 171 -48.92 -33.40 24.69
C LYS D 171 -49.04 -34.72 25.42
N ALA D 172 -48.67 -35.82 24.75
CA ALA D 172 -48.74 -37.13 25.40
C ALA D 172 -47.83 -37.20 26.61
N LEU D 173 -46.61 -36.68 26.49
CA LEU D 173 -45.69 -36.69 27.63
C LEU D 173 -46.22 -35.84 28.77
N GLN D 174 -46.79 -34.68 28.45
CA GLN D 174 -47.38 -33.84 29.50
C GLN D 174 -48.51 -34.57 30.21
N ALA D 175 -49.30 -35.32 29.46
CA ALA D 175 -50.41 -36.08 30.04
C ALA D 175 -49.96 -37.41 30.63
N GLU D 176 -48.69 -37.77 30.52
CA GLU D 176 -48.21 -39.04 31.04
C GLU D 176 -48.35 -39.14 32.55
N GLU D 177 -48.55 -38.02 33.24
CA GLU D 177 -48.78 -38.01 34.69
C GLU D 177 -47.53 -38.37 35.47
N GLY D 178 -46.36 -38.04 34.94
CA GLY D 178 -45.11 -38.26 35.64
C GLY D 178 -44.12 -37.14 35.42
N VAL D 179 -44.61 -36.00 34.94
CA VAL D 179 -43.78 -34.86 34.61
C VAL D 179 -44.43 -33.59 35.15
N THR D 180 -43.63 -32.54 35.29
CA THR D 180 -44.10 -31.23 35.71
C THR D 180 -44.10 -30.20 34.60
N ASP D 181 -43.15 -30.28 33.67
CA ASP D 181 -43.09 -29.35 32.55
C ASP D 181 -42.41 -30.04 31.38
N VAL D 182 -42.65 -29.51 30.18
CA VAL D 182 -42.05 -30.00 28.95
C VAL D 182 -41.56 -28.82 28.13
N ARG D 183 -40.36 -28.92 27.60
CA ARG D 183 -39.75 -27.87 26.79
C ARG D 183 -39.43 -28.40 25.41
N MET D 184 -39.59 -27.56 24.40
CA MET D 184 -39.37 -27.94 23.01
C MET D 184 -38.44 -26.91 22.36
N ASP D 185 -37.76 -27.37 21.31
CA ASP D 185 -36.77 -26.54 20.62
C ASP D 185 -37.41 -25.81 19.44
N GLU D 186 -36.62 -24.93 18.83
CA GLU D 186 -37.07 -24.15 17.68
C GLU D 186 -36.87 -24.91 16.37
N ASP D 187 -35.72 -25.55 16.19
CA ASP D 187 -35.43 -26.35 14.99
C ASP D 187 -35.55 -25.50 13.73
N TRP D 188 -34.87 -24.36 13.74
CA TRP D 188 -34.83 -23.47 12.56
C TRP D 188 -33.55 -23.71 11.77
N PHE D 189 -33.43 -24.92 11.24
CA PHE D 189 -32.22 -25.31 10.53
C PHE D 189 -32.13 -24.62 9.17
N ALA D 190 -33.25 -24.56 8.43
CA ALA D 190 -33.19 -24.06 7.05
C ALA D 190 -32.74 -22.60 7.01
N ARG D 191 -33.30 -21.76 7.88
CA ARG D 191 -32.95 -20.35 7.85
C ARG D 191 -31.45 -20.14 8.10
N LEU D 192 -30.91 -20.84 9.10
CA LEU D 192 -29.50 -20.69 9.39
C LEU D 192 -28.63 -21.25 8.27
N ASP D 193 -29.08 -22.33 7.62
CA ASP D 193 -28.32 -22.85 6.48
C ASP D 193 -28.28 -21.83 5.35
N ALA D 194 -29.41 -21.19 5.06
CA ALA D 194 -29.42 -20.16 4.02
C ALA D 194 -28.51 -19.00 4.38
N ILE D 195 -28.56 -18.55 5.64
CA ILE D 195 -27.70 -17.45 6.07
C ILE D 195 -26.24 -17.86 5.95
N ARG D 196 -25.91 -19.10 6.31
CA ARG D 196 -24.54 -19.56 6.19
C ARG D 196 -24.09 -19.57 4.74
N HIS D 197 -24.96 -20.01 3.83
CA HIS D 197 -24.60 -20.02 2.41
C HIS D 197 -24.33 -18.61 1.90
N LEU D 198 -25.21 -17.67 2.27
CA LEU D 198 -25.01 -16.29 1.85
C LEU D 198 -23.71 -15.73 2.40
N ALA D 199 -23.43 -15.99 3.68
CA ALA D 199 -22.18 -15.51 4.27
C ALA D 199 -20.97 -16.12 3.59
N THR D 200 -21.06 -17.41 3.23
CA THR D 200 -19.95 -18.06 2.55
C THR D 200 -19.67 -17.39 1.21
N ILE D 201 -20.73 -17.11 0.45
CA ILE D 201 -20.53 -16.47 -0.85
C ILE D 201 -19.90 -15.09 -0.67
N VAL D 202 -20.43 -14.30 0.26
CA VAL D 202 -19.90 -12.96 0.47
C VAL D 202 -18.45 -13.02 0.89
N VAL D 203 -18.12 -13.92 1.82
CA VAL D 203 -16.76 -14.02 2.32
C VAL D 203 -15.81 -14.40 1.18
N ILE D 204 -16.20 -15.38 0.37
CA ILE D 204 -15.34 -15.81 -0.72
C ILE D 204 -15.08 -14.66 -1.68
N SER D 205 -16.15 -13.95 -2.07
CA SER D 205 -15.98 -12.86 -3.03
C SER D 205 -15.06 -11.77 -2.48
N LEU D 206 -15.37 -11.28 -1.28
CA LEU D 206 -14.58 -10.19 -0.72
C LEU D 206 -13.14 -10.60 -0.46
N SER D 207 -12.93 -11.83 0.03
CA SER D 207 -11.57 -12.31 0.26
C SER D 207 -10.78 -12.38 -1.04
N SER D 208 -11.41 -12.88 -2.10
CA SER D 208 -10.72 -12.93 -3.39
C SER D 208 -10.33 -11.54 -3.86
N LEU D 209 -11.27 -10.59 -3.76
CA LEU D 209 -10.97 -9.22 -4.19
C LEU D 209 -9.81 -8.64 -3.40
N MET D 210 -9.84 -8.82 -2.07
CA MET D 210 -8.79 -8.23 -1.24
C MET D 210 -7.44 -8.90 -1.51
N LEU D 211 -7.42 -10.22 -1.70
CA LEU D 211 -6.16 -10.89 -2.00
C LEU D 211 -5.58 -10.39 -3.32
N MET D 212 -6.42 -10.25 -4.35
CA MET D 212 -5.92 -9.73 -5.62
C MET D 212 -5.40 -8.31 -5.46
N SER D 213 -6.13 -7.48 -4.71
CA SER D 213 -5.69 -6.10 -4.53
C SER D 213 -4.34 -6.03 -3.84
N VAL D 214 -4.16 -6.80 -2.77
CA VAL D 214 -2.90 -6.76 -2.04
C VAL D 214 -1.77 -7.33 -2.88
N PHE D 215 -2.05 -8.38 -3.66
CA PHE D 215 -1.02 -8.94 -4.52
C PHE D 215 -0.56 -7.91 -5.56
N LEU D 216 -1.51 -7.19 -6.15
CA LEU D 216 -1.15 -6.23 -7.19
C LEU D 216 -0.50 -4.97 -6.63
N ILE D 217 -0.88 -4.55 -5.42
CA ILE D 217 -0.30 -3.33 -4.85
C ILE D 217 1.20 -3.52 -4.63
N VAL D 218 1.61 -4.70 -4.15
CA VAL D 218 3.02 -4.94 -3.89
C VAL D 218 3.84 -4.82 -5.18
N GLY D 219 3.34 -5.41 -6.26
CA GLY D 219 4.09 -5.41 -7.50
C GLY D 219 4.42 -4.01 -7.97
N ASN D 220 3.45 -3.10 -7.87
CA ASN D 220 3.68 -1.73 -8.33
C ASN D 220 4.78 -1.05 -7.54
N THR D 221 4.80 -1.21 -6.22
CA THR D 221 5.85 -0.59 -5.42
C THR D 221 7.21 -1.15 -5.77
N LEU D 222 7.30 -2.46 -6.00
CA LEU D 222 8.55 -3.05 -6.42
C LEU D 222 9.00 -2.51 -7.77
N ARG D 223 8.07 -2.35 -8.70
CA ARG D 223 8.42 -1.78 -10.00
C ARG D 223 8.97 -0.37 -9.84
N PHE D 224 8.30 0.44 -9.02
CA PHE D 224 8.78 1.81 -8.82
C PHE D 224 10.17 1.81 -8.18
N ASN D 225 10.40 0.93 -7.20
CA ASN D 225 11.71 0.87 -6.57
C ASN D 225 12.78 0.47 -7.58
N VAL D 226 12.48 -0.51 -8.42
CA VAL D 226 13.45 -0.91 -9.44
C VAL D 226 13.75 0.25 -10.37
N GLN D 227 12.72 0.98 -10.79
CA GLN D 227 12.94 2.12 -11.67
C GLN D 227 13.74 3.22 -10.98
N ALA D 228 13.64 3.31 -9.65
CA ALA D 228 14.30 4.41 -8.94
C ALA D 228 15.81 4.35 -9.09
N ASN D 229 16.40 3.15 -9.00
CA ASN D 229 17.85 2.97 -9.00
C ASN D 229 18.35 2.43 -10.33
N LYS D 230 17.80 2.91 -11.44
CA LYS D 230 18.19 2.42 -12.76
C LYS D 230 19.71 2.53 -12.96
N GLU D 231 20.30 3.64 -12.53
CA GLU D 231 21.72 3.84 -12.78
C GLU D 231 22.57 2.77 -12.10
N GLU D 232 22.24 2.44 -10.85
CA GLU D 232 23.01 1.44 -10.14
C GLU D 232 22.89 0.07 -10.79
N ILE D 233 21.69 -0.29 -11.25
CA ILE D 233 21.51 -1.57 -11.92
C ILE D 233 22.31 -1.61 -13.21
N GLN D 234 22.30 -0.51 -13.97
CA GLN D 234 23.08 -0.46 -15.20
C GLN D 234 24.56 -0.64 -14.89
N THR D 235 25.06 0.05 -13.86
CA THR D 235 26.47 -0.07 -13.52
C THR D 235 26.81 -1.49 -13.10
N MET D 236 25.94 -2.12 -12.30
CA MET D 236 26.21 -3.48 -11.83
C MET D 236 26.20 -4.47 -12.98
N LYS D 237 25.26 -4.33 -13.92
CA LYS D 237 25.23 -5.25 -15.04
C LYS D 237 26.39 -5.01 -15.99
N LEU D 238 26.87 -3.77 -16.11
CA LEU D 238 28.06 -3.51 -16.90
C LEU D 238 29.24 -4.30 -16.37
N ILE D 239 29.42 -4.30 -15.04
CA ILE D 239 30.35 -5.20 -14.38
C ILE D 239 29.73 -6.59 -14.48
N GLY D 240 30.51 -7.63 -14.23
CA GLY D 240 30.02 -8.98 -14.41
C GLY D 240 29.13 -9.48 -13.28
N ALA D 241 28.20 -8.63 -12.83
CA ALA D 241 27.27 -9.04 -11.79
C ALA D 241 26.26 -10.05 -12.33
N THR D 242 25.91 -11.02 -11.51
CA THR D 242 24.92 -12.02 -11.89
C THR D 242 23.52 -11.46 -11.71
N ASP D 243 22.53 -12.15 -12.30
CA ASP D 243 21.15 -11.71 -12.19
C ASP D 243 20.61 -11.92 -10.77
N ALA D 244 20.97 -13.05 -10.15
CA ALA D 244 20.46 -13.35 -8.82
C ALA D 244 20.89 -12.29 -7.82
N TYR D 245 22.12 -11.80 -7.93
CA TYR D 245 22.59 -10.78 -7.00
C TYR D 245 21.73 -9.52 -7.11
N ILE D 246 21.40 -9.11 -8.33
CA ILE D 246 20.55 -7.94 -8.50
C ILE D 246 19.16 -8.22 -7.97
N LEU D 247 18.68 -9.46 -8.13
CA LEU D 247 17.29 -9.76 -7.79
C LEU D 247 17.05 -9.88 -6.29
N ARG D 248 18.02 -10.40 -5.54
CA ARG D 248 17.77 -10.73 -4.13
C ARG D 248 17.21 -9.58 -3.31
N PRO D 249 17.77 -8.36 -3.35
CA PRO D 249 17.27 -7.32 -2.44
C PRO D 249 15.79 -7.06 -2.59
N TYR D 250 15.27 -7.13 -3.82
CA TYR D 250 13.84 -6.89 -4.02
C TYR D 250 13.02 -8.04 -3.46
N LEU D 251 13.50 -9.28 -3.61
CA LEU D 251 12.83 -10.40 -2.97
C LEU D 251 12.72 -10.18 -1.47
N TYR D 252 13.82 -9.76 -0.83
CA TYR D 252 13.77 -9.59 0.62
C TYR D 252 12.92 -8.40 1.02
N SER D 253 12.89 -7.33 0.22
CA SER D 253 11.99 -6.23 0.50
C SER D 253 10.53 -6.69 0.43
N GLY D 254 10.19 -7.49 -0.57
CA GLY D 254 8.84 -8.03 -0.65
C GLY D 254 8.50 -8.93 0.52
N MET D 255 9.47 -9.76 0.95
CA MET D 255 9.23 -10.61 2.09
C MET D 255 8.98 -9.79 3.35
N TRP D 256 9.76 -8.73 3.55
CA TRP D 256 9.54 -7.87 4.72
C TRP D 256 8.18 -7.21 4.65
N PHE D 257 7.78 -6.73 3.47
CA PHE D 257 6.44 -6.17 3.31
C PHE D 257 5.39 -7.19 3.73
N GLY D 258 5.51 -8.42 3.24
CA GLY D 258 4.53 -9.43 3.57
C GLY D 258 4.47 -9.73 5.05
N LEU D 259 5.64 -9.89 5.69
CA LEU D 259 5.66 -10.20 7.11
C LEU D 259 5.04 -9.09 7.94
N LEU D 260 5.46 -7.84 7.70
CA LEU D 260 4.93 -6.74 8.48
C LEU D 260 3.43 -6.58 8.26
N GLY D 261 2.98 -6.72 7.00
CA GLY D 261 1.56 -6.63 6.73
C GLY D 261 0.77 -7.71 7.44
N ALA D 262 1.27 -8.94 7.43
CA ALA D 262 0.56 -10.03 8.07
C ALA D 262 0.50 -9.83 9.59
N VAL D 263 1.60 -9.37 10.20
CA VAL D 263 1.58 -9.14 11.64
C VAL D 263 0.60 -8.04 12.00
N ALA D 264 0.61 -6.94 11.24
CA ALA D 264 -0.33 -5.87 11.50
C ALA D 264 -1.77 -6.35 11.30
N ALA D 265 -2.00 -7.19 10.30
CA ALA D 265 -3.34 -7.73 10.07
C ALA D 265 -3.79 -8.59 11.24
N TRP D 266 -2.90 -9.42 11.77
CA TRP D 266 -3.27 -10.24 12.92
C TRP D 266 -3.60 -9.37 14.13
N LEU D 267 -2.79 -8.33 14.37
CA LEU D 267 -3.09 -7.43 15.49
C LEU D 267 -4.44 -6.75 15.29
N LEU D 268 -4.72 -6.29 14.08
CA LEU D 268 -6.01 -5.66 13.81
C LEU D 268 -7.15 -6.65 14.00
N THR D 269 -6.96 -7.90 13.58
CA THR D 269 -7.99 -8.90 13.76
C THR D 269 -8.27 -9.14 15.23
N ALA D 270 -7.23 -9.19 16.06
CA ALA D 270 -7.44 -9.34 17.49
C ALA D 270 -8.19 -8.13 18.07
N LEU D 271 -7.77 -6.93 17.69
CA LEU D 271 -8.44 -5.74 18.19
C LEU D 271 -9.88 -5.63 17.70
N MET D 272 -10.20 -6.28 16.58
CA MET D 272 -11.58 -6.27 16.10
C MET D 272 -12.40 -7.35 16.79
N THR D 273 -11.82 -8.52 17.02
CA THR D 273 -12.58 -9.59 17.67
C THR D 273 -12.88 -9.25 19.12
N ILE D 274 -11.99 -8.50 19.79
CA ILE D 274 -12.32 -8.07 21.15
C ILE D 274 -13.57 -7.19 21.14
N LEU D 275 -13.63 -6.23 20.21
CA LEU D 275 -14.80 -5.35 20.13
C LEU D 275 -16.05 -6.14 19.76
N LEU D 276 -15.92 -7.06 18.81
CA LEU D 276 -17.08 -7.85 18.40
C LEU D 276 -17.59 -8.71 19.55
N ASN D 277 -16.67 -9.31 20.32
CA ASN D 277 -17.08 -10.08 21.49
C ASN D 277 -17.78 -9.19 22.50
N GLY D 278 -17.26 -7.99 22.73
CA GLY D 278 -17.94 -7.07 23.63
C GLY D 278 -19.35 -6.75 23.17
N ALA D 279 -19.52 -6.48 21.87
CA ALA D 279 -20.84 -6.16 21.35
C ALA D 279 -21.79 -7.33 21.49
N VAL D 280 -21.33 -8.55 21.18
CA VAL D 280 -22.20 -9.71 21.27
C VAL D 280 -22.56 -9.99 22.73
N GLU D 281 -21.62 -9.80 23.64
CA GLU D 281 -21.92 -9.96 25.06
C GLU D 281 -22.95 -8.94 25.50
N ALA D 282 -22.83 -7.70 25.05
CA ALA D 282 -23.84 -6.69 25.37
C ALA D 282 -25.19 -7.10 24.84
N LEU D 283 -25.25 -7.61 23.62
CA LEU D 283 -26.51 -8.06 23.05
C LEU D 283 -27.13 -9.17 23.88
N ALA D 284 -26.33 -10.21 24.19
CA ALA D 284 -26.86 -11.34 24.95
C ALA D 284 -27.18 -10.98 26.39
N GLN D 285 -26.61 -9.88 26.90
CA GLN D 285 -26.93 -9.47 28.27
C GLN D 285 -28.39 -9.06 28.41
N LEU D 286 -29.02 -8.60 27.32
CA LEU D 286 -30.43 -8.25 27.38
C LEU D 286 -31.24 -9.42 27.94
N TYR D 287 -30.94 -10.63 27.48
CA TYR D 287 -31.45 -11.83 28.12
C TYR D 287 -30.47 -12.26 29.22
N ASP D 288 -30.94 -13.16 30.08
CA ASP D 288 -30.12 -13.53 31.23
C ASP D 288 -28.92 -14.40 30.84
N SER D 289 -28.91 -14.95 29.64
CA SER D 289 -27.82 -15.80 29.20
C SER D 289 -26.68 -14.96 28.61
N ARG D 290 -25.53 -15.61 28.44
CA ARG D 290 -24.34 -14.95 27.92
C ARG D 290 -23.69 -15.81 26.84
N PHE D 291 -22.95 -15.16 25.95
CA PHE D 291 -22.29 -15.83 24.85
C PHE D 291 -20.91 -15.22 24.63
N ARG D 292 -19.99 -16.04 24.12
CA ARG D 292 -18.63 -15.64 23.84
C ARG D 292 -18.23 -16.06 22.44
N LEU D 293 -17.45 -15.23 21.77
CA LEU D 293 -17.00 -15.51 20.42
C LEU D 293 -15.76 -16.39 20.42
N ILE D 294 -15.67 -17.27 19.42
CA ILE D 294 -14.51 -18.14 19.26
C ILE D 294 -13.56 -17.47 18.28
N GLY D 295 -12.46 -16.94 18.80
CA GLY D 295 -11.49 -16.26 17.97
C GLY D 295 -10.69 -17.23 17.12
N LEU D 296 -9.89 -16.67 16.21
CA LEU D 296 -9.03 -17.49 15.37
C LEU D 296 -7.99 -18.21 16.23
N GLY D 297 -7.78 -19.49 15.94
CA GLY D 297 -6.89 -20.30 16.74
C GLY D 297 -5.42 -20.03 16.45
N TRP D 298 -4.58 -20.68 17.24
CA TRP D 298 -3.13 -20.56 17.03
C TRP D 298 -2.74 -21.02 15.63
N ASP D 299 -3.43 -22.01 15.09
CA ASP D 299 -3.13 -22.48 13.74
C ASP D 299 -3.42 -21.39 12.70
N GLU D 300 -4.50 -20.63 12.89
CA GLU D 300 -4.89 -19.64 11.89
C GLU D 300 -3.82 -18.56 11.73
N SER D 301 -3.23 -18.11 12.84
CA SER D 301 -2.25 -17.03 12.76
C SER D 301 -1.04 -17.45 11.93
N LEU D 302 -0.55 -18.67 12.15
CA LEU D 302 0.59 -19.16 11.39
C LEU D 302 0.26 -19.22 9.90
N LEU D 303 -0.93 -19.72 9.55
CA LEU D 303 -1.33 -19.77 8.16
C LEU D 303 -1.43 -18.37 7.57
N LEU D 304 -1.92 -17.41 8.35
CA LEU D 304 -2.01 -16.03 7.86
C LEU D 304 -0.62 -15.48 7.56
N LEU D 305 0.34 -15.69 8.46
CA LEU D 305 1.69 -15.23 8.23
C LEU D 305 2.30 -15.90 7.00
N MET D 306 2.08 -17.21 6.86
CA MET D 306 2.61 -17.92 5.71
C MET D 306 2.02 -17.38 4.41
N LEU D 307 0.72 -17.14 4.39
CA LEU D 307 0.08 -16.61 3.19
C LEU D 307 0.62 -15.23 2.85
N GLY D 308 0.77 -14.36 3.85
CA GLY D 308 1.30 -13.03 3.59
C GLY D 308 2.71 -13.09 3.01
N VAL D 309 3.56 -13.91 3.62
CA VAL D 309 4.95 -14.01 3.14
C VAL D 309 4.98 -14.56 1.71
N PHE D 310 4.22 -15.62 1.46
CA PHE D 310 4.21 -16.22 0.14
C PHE D 310 3.74 -15.22 -0.90
N LEU D 311 2.63 -14.52 -0.63
CA LEU D 311 2.09 -13.57 -1.58
C LEU D 311 3.10 -12.45 -1.86
N GLY D 312 3.68 -11.89 -0.80
CA GLY D 312 4.63 -10.81 -1.01
C GLY D 312 5.84 -11.26 -1.82
N CYS D 313 6.40 -12.41 -1.47
CA CYS D 313 7.59 -12.89 -2.18
C CYS D 313 7.29 -13.17 -3.64
N VAL D 314 6.16 -13.83 -3.93
CA VAL D 314 5.84 -14.16 -5.32
C VAL D 314 5.61 -12.89 -6.13
N ALA D 315 4.85 -11.95 -5.57
CA ALA D 315 4.58 -10.71 -6.29
C ALA D 315 5.87 -9.96 -6.57
N ALA D 316 6.72 -9.82 -5.56
CA ALA D 316 7.98 -9.11 -5.76
C ALA D 316 8.83 -9.81 -6.80
N LYS D 317 8.94 -11.13 -6.72
CA LYS D 317 9.77 -11.84 -7.68
C LYS D 317 9.28 -11.60 -9.10
N VAL D 318 7.99 -11.83 -9.36
CA VAL D 318 7.49 -11.73 -10.72
C VAL D 318 7.64 -10.31 -11.25
N SER D 319 7.20 -9.33 -10.47
CA SER D 319 7.23 -7.95 -10.94
C SER D 319 8.67 -7.48 -11.17
N ALA D 320 9.54 -7.71 -10.18
CA ALA D 320 10.92 -7.25 -10.30
C ALA D 320 11.63 -7.93 -11.47
N LYS D 321 11.45 -9.24 -11.62
CA LYS D 321 12.13 -9.94 -12.71
C LYS D 321 11.64 -9.42 -14.07
N ARG D 322 10.32 -9.27 -14.23
CA ARG D 322 9.80 -8.81 -15.51
C ARG D 322 10.32 -7.43 -15.84
N HIS D 323 10.36 -6.53 -14.85
CA HIS D 323 10.87 -5.19 -15.12
C HIS D 323 12.38 -5.18 -15.31
N LEU D 324 13.09 -6.13 -14.72
CA LEU D 324 14.54 -6.18 -14.81
C LEU D 324 15.01 -6.68 -16.15
N LYS D 325 14.28 -7.62 -16.76
CA LYS D 325 14.68 -8.11 -18.07
C LYS D 325 14.86 -6.95 -19.06
N GLU D 326 14.06 -5.90 -18.90
CA GLU D 326 14.08 -4.75 -19.81
C GLU D 326 14.95 -3.62 -19.24
N ILE D 327 16.22 -3.91 -19.03
CA ILE D 327 17.19 -2.88 -18.67
C ILE D 327 18.55 -3.27 -19.23
N GLU D 328 19.11 -2.43 -20.09
CA GLU D 328 20.37 -2.74 -20.75
C GLU D 328 21.50 -1.90 -20.15
N PRO D 329 22.71 -2.46 -19.98
CA PRO D 329 23.80 -1.65 -19.42
C PRO D 329 24.10 -0.40 -20.22
N VAL D 330 24.02 -0.47 -21.55
CA VAL D 330 24.25 0.69 -22.40
C VAL D 330 23.46 0.55 -23.69
N LEU E 91 -22.89 -12.55 85.78
CA LEU E 91 -23.36 -13.73 85.06
C LEU E 91 -24.85 -13.61 84.75
N GLU E 92 -25.59 -13.00 85.69
CA GLU E 92 -27.03 -12.84 85.48
C GLU E 92 -27.32 -11.97 84.27
N ASN E 93 -26.57 -10.88 84.11
CA ASN E 93 -26.80 -10.00 82.96
C ASN E 93 -26.53 -10.73 81.65
N ALA E 94 -25.47 -11.54 81.60
CA ALA E 94 -25.15 -12.27 80.39
C ALA E 94 -26.27 -13.22 79.99
N ASN E 95 -27.01 -13.75 80.98
CA ASN E 95 -28.09 -14.67 80.66
C ASN E 95 -29.16 -14.01 79.79
N ARG E 96 -29.54 -12.78 80.13
CA ARG E 96 -30.52 -12.07 79.31
C ARG E 96 -29.98 -11.83 77.90
N ASN E 97 -28.71 -11.43 77.80
CA ASN E 97 -28.10 -11.29 76.49
C ASN E 97 -28.07 -12.63 75.76
N ILE E 98 -27.88 -13.73 76.50
CA ILE E 98 -27.92 -15.05 75.88
C ILE E 98 -29.30 -15.33 75.30
N ALA E 99 -30.35 -14.99 76.04
CA ALA E 99 -31.71 -15.20 75.54
C ALA E 99 -31.97 -14.35 74.30
N GLN E 100 -31.53 -13.09 74.33
CA GLN E 100 -31.72 -12.23 73.16
C GLN E 100 -30.97 -12.79 71.96
N LEU E 101 -29.75 -13.28 72.16
CA LEU E 101 -28.99 -13.87 71.07
C LEU E 101 -29.68 -15.11 70.54
N ASN E 102 -30.25 -15.94 71.43
CA ASN E 102 -30.96 -17.13 70.98
C ASN E 102 -32.18 -16.76 70.16
N SER E 103 -32.94 -15.76 70.59
CA SER E 103 -34.10 -15.33 69.81
C SER E 103 -33.67 -14.79 68.44
N ASN E 104 -32.59 -14.00 68.42
CA ASN E 104 -32.09 -13.49 67.14
C ASN E 104 -31.64 -14.63 66.24
N ILE E 105 -31.00 -15.65 66.81
CA ILE E 105 -30.55 -16.78 66.03
C ILE E 105 -31.73 -17.56 65.46
N GLN E 106 -32.80 -17.72 66.26
CA GLN E 106 -33.99 -18.39 65.75
C GLN E 106 -34.61 -17.61 64.60
N ALA E 107 -34.72 -16.29 64.75
CA ALA E 107 -35.26 -15.47 63.66
C ALA E 107 -34.38 -15.57 62.42
N LEU E 108 -33.06 -15.55 62.62
CA LEU E 108 -32.14 -15.66 61.48
C LEU E 108 -32.27 -17.00 60.81
N GLU E 109 -32.45 -18.08 61.58
CA GLU E 109 -32.63 -19.40 60.99
C GLU E 109 -33.92 -19.47 60.17
N THR E 110 -35.00 -18.89 60.70
CA THR E 110 -36.25 -18.88 59.94
C THR E 110 -36.08 -18.10 58.64
N GLN E 111 -35.45 -16.93 58.71
CA GLN E 111 -35.20 -16.14 57.51
C GLN E 111 -34.31 -16.89 56.53
N LYS E 112 -33.31 -17.60 57.05
CA LYS E 112 -32.41 -18.36 56.19
C LYS E 112 -33.17 -19.45 55.46
N GLN E 113 -34.04 -20.17 56.15
CA GLN E 113 -34.82 -21.21 55.49
C GLN E 113 -35.73 -20.61 54.43
N GLN E 114 -36.41 -19.51 54.74
CA GLN E 114 -37.30 -18.89 53.77
C GLN E 114 -36.53 -18.44 52.53
N GLN E 115 -35.40 -17.76 52.75
CA GLN E 115 -34.62 -17.26 51.62
C GLN E 115 -33.97 -18.39 50.84
N ALA E 116 -33.58 -19.49 51.51
CA ALA E 116 -33.05 -20.64 50.80
C ALA E 116 -34.11 -21.25 49.90
N ASP E 117 -35.35 -21.38 50.40
CA ASP E 117 -36.42 -21.88 49.54
C ASP E 117 -36.65 -20.97 48.36
N LYS E 118 -36.70 -19.65 48.60
CA LYS E 118 -36.92 -18.70 47.53
C LYS E 118 -35.81 -18.78 46.48
N LEU E 119 -34.56 -18.81 46.93
CA LEU E 119 -33.43 -18.89 46.02
C LEU E 119 -33.44 -20.20 45.25
N GLU E 120 -33.80 -21.29 45.91
CA GLU E 120 -33.86 -22.58 45.22
C GLU E 120 -34.89 -22.55 44.10
N ARG E 121 -36.09 -22.03 44.39
CA ARG E 121 -37.10 -21.99 43.34
C ARG E 121 -36.70 -21.05 42.21
N LEU E 122 -36.09 -19.91 42.55
CA LEU E 122 -35.67 -18.98 41.50
C LEU E 122 -34.58 -19.59 40.63
N LEU E 123 -33.63 -20.30 41.25
CA LEU E 123 -32.57 -20.95 40.49
C LEU E 123 -33.15 -22.04 39.60
N GLN E 124 -34.12 -22.79 40.09
CA GLN E 124 -34.78 -23.80 39.27
C GLN E 124 -35.49 -23.16 38.08
N THR E 125 -36.15 -22.03 38.31
CA THR E 125 -36.80 -21.33 37.20
C THR E 125 -35.77 -20.90 36.16
N TYR E 126 -34.61 -20.40 36.61
CA TYR E 126 -33.57 -20.04 35.65
C TYR E 126 -33.07 -21.25 34.89
N TYR E 127 -32.87 -22.37 35.59
CA TYR E 127 -32.44 -23.60 34.93
C TYR E 127 -33.46 -24.03 33.89
N LEU E 128 -34.74 -23.75 34.12
CA LEU E 128 -35.76 -24.07 33.12
C LEU E 128 -35.71 -23.11 31.94
N THR E 129 -35.49 -21.83 32.21
CA THR E 129 -35.57 -20.78 31.18
C THR E 129 -34.19 -20.22 30.83
N LYS E 130 -33.19 -21.09 30.76
CA LYS E 130 -31.82 -20.68 30.42
C LYS E 130 -31.80 -19.77 29.19
N ARG E 131 -32.26 -20.27 28.04
CA ARG E 131 -32.21 -19.55 26.77
C ARG E 131 -30.75 -19.22 26.39
N SER E 132 -30.00 -20.28 26.13
CA SER E 132 -28.62 -20.15 25.69
C SER E 132 -28.56 -19.85 24.19
N LEU E 133 -27.68 -18.92 23.81
CA LEU E 133 -27.62 -18.50 22.42
C LEU E 133 -26.96 -19.54 21.53
N THR E 134 -25.86 -20.16 21.99
CA THR E 134 -25.08 -21.03 21.13
C THR E 134 -25.83 -22.28 20.71
N ASN E 135 -26.96 -22.59 21.34
CA ASN E 135 -27.77 -23.75 20.97
C ASN E 135 -28.99 -23.37 20.14
N GLY E 136 -29.03 -22.13 19.63
CA GLY E 136 -30.18 -21.69 18.86
C GLY E 136 -31.47 -21.61 19.66
N GLN E 137 -31.39 -21.11 20.89
CA GLN E 137 -32.55 -20.96 21.76
C GLN E 137 -33.02 -19.51 21.83
N PHE E 138 -32.56 -18.66 20.92
CA PHE E 138 -32.87 -17.24 20.95
C PHE E 138 -34.01 -16.91 19.99
N PHE E 139 -34.57 -15.72 20.16
CA PHE E 139 -35.50 -15.13 19.21
C PHE E 139 -36.65 -16.11 18.86
N HIS E 140 -37.45 -16.40 19.88
CA HIS E 140 -38.66 -17.18 19.64
C HIS E 140 -39.56 -16.43 18.67
N ARG E 141 -40.18 -17.19 17.76
CA ARG E 141 -40.96 -16.59 16.70
C ARG E 141 -42.18 -15.85 17.25
N SER E 142 -42.47 -14.69 16.66
CA SER E 142 -43.70 -13.95 16.91
C SER E 142 -43.93 -13.73 18.41
N ALA E 143 -43.01 -12.97 19.01
CA ALA E 143 -43.11 -12.64 20.42
C ALA E 143 -42.63 -11.21 20.65
N ASP E 144 -43.08 -10.62 21.75
CA ASP E 144 -42.66 -9.28 22.15
C ASP E 144 -41.26 -9.40 22.75
N GLU E 145 -40.26 -9.26 21.89
CA GLU E 145 -38.88 -9.49 22.33
C GLU E 145 -38.46 -8.48 23.39
N ASP E 146 -38.85 -7.21 23.24
CA ASP E 146 -38.49 -6.23 24.25
C ASP E 146 -39.11 -6.58 25.60
N ARG E 147 -40.39 -6.95 25.61
CA ARG E 147 -41.05 -7.26 26.87
C ARG E 147 -40.46 -8.51 27.52
N ILE E 148 -40.17 -9.54 26.73
CA ILE E 148 -39.60 -10.76 27.30
C ILE E 148 -38.20 -10.47 27.83
N SER E 149 -37.44 -9.62 27.14
CA SER E 149 -36.13 -9.24 27.64
C SER E 149 -36.26 -8.51 28.98
N GLN E 150 -37.25 -7.62 29.08
CA GLN E 150 -37.46 -6.92 30.35
C GLN E 150 -37.81 -7.91 31.46
N TYR E 151 -38.65 -8.89 31.16
CA TYR E 151 -38.97 -9.92 32.16
C TYR E 151 -37.70 -10.64 32.62
N TYR E 152 -36.86 -11.06 31.67
CA TYR E 152 -35.63 -11.76 32.03
C TYR E 152 -34.72 -10.90 32.88
N GLN E 153 -34.55 -9.63 32.50
CA GLN E 153 -33.68 -8.74 33.26
C GLN E 153 -34.21 -8.52 34.67
N HIS E 154 -35.52 -8.35 34.80
CA HIS E 154 -36.10 -8.19 36.14
C HIS E 154 -35.88 -9.45 36.98
N LEU E 155 -36.05 -10.62 36.37
CA LEU E 155 -35.82 -11.86 37.11
C LEU E 155 -34.37 -11.95 37.57
N ALA E 156 -33.42 -11.62 36.70
CA ALA E 156 -32.01 -11.67 37.08
C ALA E 156 -31.71 -10.68 38.20
N LYS E 157 -32.28 -9.47 38.11
CA LYS E 157 -32.05 -8.48 39.16
C LYS E 157 -32.61 -8.96 40.49
N SER E 158 -33.80 -9.56 40.48
CA SER E 158 -34.37 -10.10 41.70
C SER E 158 -33.48 -11.19 42.28
N ARG E 159 -32.94 -12.05 41.41
CA ARG E 159 -32.04 -13.10 41.88
C ARG E 159 -30.80 -12.50 42.53
N ALA E 160 -30.22 -11.47 41.91
CA ALA E 160 -29.03 -10.84 42.48
C ALA E 160 -29.35 -10.24 43.85
N GLN E 161 -30.47 -9.54 43.95
CA GLN E 161 -30.85 -8.94 45.24
C GLN E 161 -31.07 -10.02 46.29
N ALA E 162 -31.72 -11.13 45.91
CA ALA E 162 -31.98 -12.20 46.86
C ALA E 162 -30.69 -12.81 47.37
N ILE E 163 -29.73 -13.07 46.48
CA ILE E 163 -28.48 -13.67 46.92
C ILE E 163 -27.70 -12.69 47.80
N GLU E 164 -27.72 -11.40 47.45
CA GLU E 164 -27.04 -10.41 48.28
C GLU E 164 -27.63 -10.37 49.68
N ALA E 165 -28.96 -10.34 49.78
CA ALA E 165 -29.61 -10.32 51.08
C ALA E 165 -29.32 -11.59 51.87
N LEU E 166 -29.31 -12.75 51.18
CA LEU E 166 -28.99 -14.00 51.85
C LEU E 166 -27.58 -13.98 52.42
N GLU E 167 -26.62 -13.48 51.63
CA GLU E 167 -25.25 -13.39 52.14
C GLU E 167 -25.17 -12.46 53.33
N LYS E 168 -25.85 -11.31 53.27
CA LYS E 168 -25.82 -10.37 54.37
C LYS E 168 -26.38 -11.01 55.65
N THR E 169 -27.55 -11.62 55.56
CA THR E 169 -28.16 -12.20 56.75
C THR E 169 -27.34 -13.37 57.28
N GLN E 170 -26.78 -14.19 56.39
CA GLN E 170 -25.96 -15.30 56.84
C GLN E 170 -24.71 -14.80 57.56
N THR E 171 -24.07 -13.76 57.02
CA THR E 171 -22.90 -13.21 57.68
C THR E 171 -23.25 -12.65 59.05
N GLU E 172 -24.38 -11.93 59.15
CA GLU E 172 -24.78 -11.40 60.44
C GLU E 172 -25.07 -12.52 61.43
N LEU E 173 -25.77 -13.57 60.98
CA LEU E 173 -26.06 -14.69 61.88
C LEU E 173 -24.78 -15.38 62.34
N ASN E 174 -23.83 -15.59 61.43
CA ASN E 174 -22.57 -16.23 61.81
C ASN E 174 -21.81 -15.36 62.81
N SER E 175 -21.77 -14.05 62.58
CA SER E 175 -21.08 -13.16 63.51
C SER E 175 -21.74 -13.19 64.89
N ASN E 176 -23.08 -13.17 64.92
CA ASN E 176 -23.78 -13.22 66.20
C ASN E 176 -23.51 -14.54 66.91
N GLN E 177 -23.53 -15.65 66.18
CA GLN E 177 -23.26 -16.95 66.79
C GLN E 177 -21.84 -17.00 67.35
N LYS E 178 -20.87 -16.46 66.61
CA LYS E 178 -19.50 -16.42 67.12
C LYS E 178 -19.42 -15.57 68.38
N GLN E 179 -20.08 -14.41 68.38
CA GLN E 179 -20.11 -13.59 69.58
C GLN E 179 -20.85 -14.28 70.71
N ARG E 180 -21.97 -14.95 70.40
CA ARG E 180 -22.73 -15.65 71.42
C ARG E 180 -21.89 -16.76 72.04
N GLN E 181 -21.16 -17.51 71.22
CA GLN E 181 -20.28 -18.55 71.76
C GLN E 181 -19.20 -17.92 72.64
N THR E 182 -18.64 -16.79 72.22
CA THR E 182 -17.65 -16.11 73.04
C THR E 182 -18.26 -15.66 74.36
N GLU E 183 -19.51 -15.17 74.33
CA GLU E 183 -20.17 -14.78 75.57
C GLU E 183 -20.31 -15.97 76.51
N ARG E 184 -20.65 -17.14 75.98
CA ARG E 184 -20.71 -18.34 76.81
C ARG E 184 -19.33 -18.67 77.37
N GLU E 185 -18.28 -18.53 76.55
CA GLU E 185 -16.93 -18.74 77.05
C GLU E 185 -16.59 -17.74 78.14
N GLN E 186 -16.99 -16.48 77.97
CA GLN E 186 -16.76 -15.49 79.02
C GLN E 186 -17.52 -15.86 80.29
N ILE E 187 -18.74 -16.39 80.14
CA ILE E 187 -19.50 -16.82 81.31
C ILE E 187 -18.75 -17.92 82.05
N GLU E 188 -18.09 -18.81 81.31
CA GLU E 188 -17.31 -19.86 81.94
C GLU E 188 -16.20 -19.28 82.81
N LYS E 189 -15.52 -18.25 82.31
CA LYS E 189 -14.48 -17.60 83.11
C LYS E 189 -15.05 -17.02 84.39
N LEU E 190 -16.21 -16.35 84.29
CA LEU E 190 -16.84 -15.82 85.49
C LEU E 190 -17.22 -16.92 86.47
N LEU E 191 -17.74 -18.03 85.96
CA LEU E 191 -18.12 -19.16 86.80
C LEU E 191 -16.91 -19.75 87.50
MG MG F . 32.50 21.44 -18.75
PB ADP G . 34.37 22.71 -16.85
O1B ADP G . 33.09 21.86 -16.96
O2B ADP G . 35.53 21.99 -17.56
O3B ADP G . 34.14 24.08 -17.50
PA ADP G . 33.73 23.73 -14.19
O1A ADP G . 32.38 22.98 -14.12
O2A ADP G . 33.50 25.16 -14.70
O3A ADP G . 34.75 22.93 -15.22
O5' ADP G . 34.39 23.78 -12.66
C5' ADP G . 33.86 24.69 -11.70
C4' ADP G . 34.53 24.36 -10.35
O4' ADP G . 33.52 24.12 -9.35
C3' ADP G . 35.33 23.07 -10.51
O3' ADP G . 36.45 23.09 -9.63
C2' ADP G . 34.34 22.00 -10.08
O2' ADP G . 35.02 20.89 -9.50
C1' ADP G . 33.50 22.73 -9.01
N9 ADP G . 32.13 22.22 -9.03
C8 ADP G . 31.41 21.95 -10.13
N7 ADP G . 30.20 21.51 -9.77
C5 ADP G . 30.16 21.49 -8.42
C6 ADP G . 29.17 21.13 -7.47
N6 ADP G . 27.86 20.65 -7.90
N1 ADP G . 29.46 21.24 -6.17
C2 ADP G . 30.65 21.68 -5.76
N3 ADP G . 31.60 22.03 -6.63
C4 ADP G . 31.39 21.95 -7.95
MG MG H . 32.30 6.54 -29.84
PB ADP I . 32.10 6.04 -32.64
O1B ADP I . 31.22 6.04 -31.37
O2B ADP I . 32.63 7.46 -32.91
O3B ADP I . 33.30 5.08 -32.41
PA ADP I . 30.48 4.00 -34.00
O1A ADP I . 29.56 3.84 -32.79
O2A ADP I . 31.57 2.91 -33.98
O3A ADP I . 31.21 5.50 -33.95
O5' ADP I . 29.59 3.88 -35.41
C5' ADP I . 29.19 2.59 -35.88
C4' ADP I . 28.22 2.83 -37.05
O4' ADP I . 26.97 2.17 -36.80
C3' ADP I . 27.93 4.34 -37.14
O3' ADP I . 27.70 4.72 -38.50
C2' ADP I . 26.65 4.49 -36.33
O2' ADP I . 25.87 5.57 -36.83
C1' ADP I . 25.94 3.14 -36.58
N9 ADP I . 25.15 2.77 -35.39
C8 ADP I . 25.55 2.89 -34.12
N7 ADP I . 24.59 2.45 -33.31
C5 ADP I . 23.55 2.06 -34.09
C6 ADP I . 22.27 1.51 -33.82
N6 ADP I . 21.83 1.28 -32.46
N1 ADP I . 21.47 1.23 -34.85
C2 ADP I . 21.86 1.43 -36.11
N3 ADP I . 23.05 1.94 -36.39
C4 ADP I . 23.91 2.26 -35.42
#